data_3RQZ
#
_entry.id   3RQZ
#
_cell.length_a   72.838
_cell.length_b   72.838
_cell.length_c   123.006
_cell.angle_alpha   90.000
_cell.angle_beta   90.000
_cell.angle_gamma   120.000
#
_symmetry.space_group_name_H-M   'P 32'
#
loop_
_entity.id
_entity.type
_entity.pdbx_description
1 polymer Metallophosphoesterase
2 non-polymer 'ZINC ION'
3 non-polymer 'ACETATE ION'
4 water water
#
_entity_poly.entity_id   1
_entity_poly.type   'polypeptide(L)'
_entity_poly.pdbx_seq_one_letter_code
;SNA(MSE)RILIISDVHANLVALEAVLSDAGRVDDIWSLGDIVGYGPRPRECVELVRVLAPNISVIGNHDWACIGRLSLD
EFNPVARFASYWTT(MSE)QLQAEHLQYLESLPNR(MSE)IDGDWTVVHGSPRHPIWEYIYNARIAALNFPAFDTPLCFV
GHTHVPLYIREDEALSNVAPHHPNDGEVLDVSSGRYIINPGAVGQPRDGDPRASYAIFEPDAQRVTFHRVEYRIADTQAQ
(MSE)REAGLPESLVTRLAAGV
;
_entity_poly.pdbx_strand_id   A,B,C
#
# COMPACT_ATOMS: atom_id res chain seq x y z
N ASN A 2 -9.81 -5.40 45.57
CA ASN A 2 -10.73 -5.74 44.44
C ASN A 2 -10.57 -4.72 43.30
N ALA A 3 -10.77 -3.45 43.64
CA ALA A 3 -10.57 -2.33 42.72
C ALA A 3 -9.09 -2.18 42.35
N ARG A 5 -5.93 0.06 40.33
CA ARG A 5 -5.52 1.36 39.81
C ARG A 5 -4.41 1.15 38.77
N ILE A 6 -4.65 1.57 37.52
CA ILE A 6 -3.79 1.21 36.39
C ILE A 6 -3.20 2.43 35.72
N LEU A 7 -1.88 2.46 35.59
CA LEU A 7 -1.20 3.53 34.89
C LEU A 7 -1.17 3.25 33.40
N ILE A 8 -1.70 4.15 32.59
CA ILE A 8 -1.67 4.00 31.14
C ILE A 8 -0.74 5.05 30.54
N ILE A 9 0.26 4.60 29.79
CA ILE A 9 1.25 5.50 29.20
C ILE A 9 1.43 5.20 27.72
N SER A 10 1.87 6.21 27.00
CA SER A 10 2.14 6.08 25.58
C SER A 10 3.22 7.05 25.18
N ASP A 11 3.94 6.71 24.11
CA ASP A 11 4.83 7.66 23.43
C ASP A 11 5.89 8.21 24.39
N VAL A 12 6.50 7.29 25.12
CA VAL A 12 7.65 7.61 25.96
C VAL A 12 8.80 8.19 25.11
N HIS A 13 9.03 7.60 23.94
CA HIS A 13 9.99 8.17 23.03
C HIS A 13 11.33 8.42 23.70
N ALA A 14 11.82 7.42 24.42
CA ALA A 14 13.17 7.42 24.92
C ALA A 14 13.45 8.61 25.86
N ASN A 15 12.39 9.16 26.44
CA ASN A 15 12.52 10.28 27.38
C ASN A 15 12.46 9.72 28.80
N LEU A 16 13.62 9.29 29.29
CA LEU A 16 13.76 8.62 30.59
C LEU A 16 13.39 9.55 31.72
N VAL A 17 13.80 10.82 31.61
CA VAL A 17 13.53 11.78 32.67
C VAL A 17 11.98 11.94 32.79
N ALA A 18 11.29 12.07 31.67
CA ALA A 18 9.84 12.24 31.70
C ALA A 18 9.18 10.95 32.21
N LEU A 19 9.68 9.78 31.79
CA LEU A 19 9.16 8.52 32.30
C LEU A 19 9.32 8.35 33.83
N GLU A 20 10.50 8.69 34.35
CA GLU A 20 10.72 8.61 35.81
C GLU A 20 9.82 9.61 36.56
N ALA A 21 9.58 10.77 35.98
CA ALA A 21 8.72 11.79 36.57
C ALA A 21 7.29 11.23 36.63
N VAL A 22 6.86 10.58 35.53
CA VAL A 22 5.53 9.99 35.52
C VAL A 22 5.37 8.86 36.56
N LEU A 23 6.35 7.95 36.61
CA LEU A 23 6.31 6.83 37.55
C LEU A 23 6.22 7.30 39.00
N SER A 24 6.98 8.34 39.38
CA SER A 24 6.89 8.88 40.74
C SER A 24 5.54 9.58 40.91
N ASP A 25 5.08 10.31 39.90
CA ASP A 25 3.81 11.06 40.02
C ASP A 25 2.58 10.14 40.18
N ALA A 26 2.58 9.00 39.48
CA ALA A 26 1.41 8.11 39.41
C ALA A 26 0.99 7.50 40.76
N GLY A 27 1.93 7.36 41.68
CA GLY A 27 1.63 6.82 42.99
C GLY A 27 1.54 5.31 42.99
N ARG A 28 0.73 4.77 43.90
CA ARG A 28 0.48 3.35 44.02
C ARG A 28 -0.38 2.85 42.86
N VAL A 29 0.23 2.10 41.93
CA VAL A 29 -0.54 1.49 40.84
C VAL A 29 -0.41 -0.03 40.79
N ASP A 30 -1.48 -0.69 40.36
CA ASP A 30 -1.57 -2.13 40.33
C ASP A 30 -1.05 -2.74 39.05
N ASP A 31 -0.92 -1.92 38.00
CA ASP A 31 -0.43 -2.38 36.70
C ASP A 31 -0.10 -1.16 35.86
N ILE A 32 0.78 -1.35 34.88
CA ILE A 32 1.19 -0.30 33.95
C ILE A 32 1.01 -0.80 32.52
N TRP A 33 0.32 -0.04 31.69
CA TRP A 33 0.12 -0.43 30.30
C TRP A 33 0.83 0.53 29.35
N SER A 34 1.60 0.00 28.41
CA SER A 34 2.31 0.81 27.42
C SER A 34 1.65 0.70 26.05
N LEU A 35 1.36 1.85 25.45
CA LEU A 35 0.79 1.88 24.12
C LEU A 35 1.83 2.09 23.02
N GLY A 36 3.10 1.86 23.32
CA GLY A 36 4.10 1.82 22.24
C GLY A 36 4.80 3.14 22.03
N ASP A 37 5.69 3.16 21.03
CA ASP A 37 6.64 4.25 20.85
C ASP A 37 7.44 4.53 22.12
N ILE A 38 8.06 3.46 22.64
CA ILE A 38 9.03 3.52 23.70
C ILE A 38 10.32 4.23 23.26
N VAL A 39 10.67 4.13 21.97
CA VAL A 39 11.94 4.68 21.48
C VAL A 39 11.63 5.68 20.37
N GLY A 40 12.68 6.32 19.87
CA GLY A 40 12.58 7.33 18.82
C GLY A 40 12.60 8.72 19.42
N TYR A 41 13.32 9.64 18.78
CA TYR A 41 13.42 11.04 19.22
C TYR A 41 14.29 11.28 20.46
N GLY A 42 14.01 10.60 21.57
CA GLY A 42 14.68 10.88 22.84
C GLY A 42 16.05 10.22 23.02
N PRO A 43 16.80 10.64 24.07
CA PRO A 43 18.19 10.25 24.30
C PRO A 43 18.41 8.93 25.03
N ARG A 44 17.35 8.29 25.52
CA ARG A 44 17.54 7.11 26.37
C ARG A 44 16.70 5.92 25.93
N PRO A 45 16.86 5.48 24.67
CA PRO A 45 16.00 4.35 24.22
C PRO A 45 16.24 3.04 24.96
N ARG A 46 17.49 2.68 25.28
CA ARG A 46 17.72 1.41 25.97
C ARG A 46 17.04 1.39 27.33
N GLU A 47 17.27 2.47 28.09
CA GLU A 47 16.77 2.55 29.46
C GLU A 47 15.22 2.53 29.48
N CYS A 48 14.59 3.16 28.49
CA CYS A 48 13.14 3.18 28.45
C CYS A 48 12.58 1.80 28.07
N VAL A 49 13.23 1.10 27.15
CA VAL A 49 12.81 -0.26 26.82
C VAL A 49 12.96 -1.18 28.02
N GLU A 50 14.09 -1.08 28.72
CA GLU A 50 14.33 -1.93 29.88
C GLU A 50 13.26 -1.75 30.95
N LEU A 51 12.90 -0.50 31.21
CA LEU A 51 11.85 -0.16 32.18
C LEU A 51 10.47 -0.66 31.80
N VAL A 52 10.03 -0.31 30.59
CA VAL A 52 8.72 -0.74 30.09
C VAL A 52 8.58 -2.28 30.09
N ARG A 53 9.64 -2.97 29.67
CA ARG A 53 9.64 -4.44 29.66
C ARG A 53 9.24 -5.04 31.02
N VAL A 54 9.90 -4.54 32.08
CA VAL A 54 9.70 -5.07 33.43
C VAL A 54 8.32 -4.61 33.97
N LEU A 55 7.97 -3.35 33.72
CA LEU A 55 6.80 -2.71 34.32
C LEU A 55 5.45 -2.99 33.66
N ALA A 56 5.46 -3.40 32.39
CA ALA A 56 4.23 -3.61 31.65
C ALA A 56 4.12 -5.05 31.17
N PRO A 57 4.01 -6.02 32.12
CA PRO A 57 3.97 -7.45 31.69
C PRO A 57 2.65 -7.87 31.01
N ASN A 58 1.57 -7.12 31.18
CA ASN A 58 0.28 -7.56 30.63
C ASN A 58 -0.11 -6.86 29.35
N ILE A 59 0.09 -5.54 29.28
CA ILE A 59 -0.30 -4.75 28.11
C ILE A 59 0.89 -3.90 27.68
N SER A 60 1.47 -4.22 26.54
CA SER A 60 2.59 -3.47 25.98
C SER A 60 2.52 -3.70 24.47
N VAL A 61 2.06 -2.70 23.72
CA VAL A 61 1.86 -2.89 22.31
C VAL A 61 2.93 -2.07 21.55
N ILE A 62 3.23 -2.46 20.31
CA ILE A 62 4.32 -1.87 19.56
C ILE A 62 3.80 -0.57 18.94
N GLY A 63 4.67 0.44 18.88
CA GLY A 63 4.37 1.68 18.14
C GLY A 63 5.10 1.71 16.79
N ASN A 64 4.79 2.72 15.96
CA ASN A 64 5.44 2.80 14.65
C ASN A 64 6.96 3.05 14.75
N HIS A 65 7.36 3.85 15.72
CA HIS A 65 8.84 4.07 15.92
C HIS A 65 9.58 2.82 16.38
N ASP A 66 8.99 2.06 17.32
CA ASP A 66 9.55 0.77 17.73
C ASP A 66 9.70 -0.15 16.51
N TRP A 67 8.64 -0.24 15.69
CA TRP A 67 8.61 -1.13 14.52
C TRP A 67 9.67 -0.72 13.48
N ALA A 68 9.82 0.58 13.27
CA ALA A 68 10.87 1.12 12.38
C ALA A 68 12.27 0.75 12.85
N CYS A 69 12.51 0.83 14.15
CA CYS A 69 13.85 0.73 14.70
C CYS A 69 14.32 -0.69 14.89
N ILE A 70 13.42 -1.64 14.63
CA ILE A 70 13.76 -3.02 14.68
C ILE A 70 14.52 -3.34 13.42
N GLY A 71 14.39 -2.46 12.42
CA GLY A 71 15.09 -2.59 11.18
C GLY A 71 16.61 -2.66 11.38
N ARG A 72 17.19 -3.77 10.94
CA ARG A 72 18.65 -3.87 10.84
C ARG A 72 19.11 -3.23 9.53
N LEU A 73 20.29 -2.65 9.61
CA LEU A 73 20.85 -1.93 8.49
C LEU A 73 22.32 -2.29 8.53
N SER A 74 22.93 -2.47 7.36
CA SER A 74 24.39 -2.53 7.25
C SER A 74 24.91 -1.29 6.51
N LEU A 75 25.53 -0.35 7.26
CA LEU A 75 25.95 0.94 6.70
C LEU A 75 27.48 1.12 6.63
N ASP A 76 28.05 0.87 5.44
CA ASP A 76 29.50 0.90 5.21
C ASP A 76 30.11 2.30 5.43
N ASN A 79 26.26 6.06 4.85
CA ASN A 79 27.18 6.75 5.74
C ASN A 79 26.76 8.20 6.06
N PRO A 80 26.44 9.03 5.03
CA PRO A 80 25.73 10.29 5.34
C PRO A 80 24.37 10.03 6.02
N VAL A 81 23.90 8.78 5.94
CA VAL A 81 22.72 8.27 6.66
C VAL A 81 22.92 8.29 8.19
N ALA A 82 24.17 8.17 8.63
CA ALA A 82 24.47 8.22 10.07
C ALA A 82 24.10 9.57 10.72
N ARG A 83 23.74 10.56 9.89
CA ARG A 83 23.22 11.85 10.38
C ARG A 83 21.80 11.80 10.95
N PHE A 84 21.04 10.74 10.66
CA PHE A 84 19.64 10.71 11.07
C PHE A 84 19.39 10.20 12.48
N ALA A 85 18.47 10.88 13.17
CA ALA A 85 18.03 10.51 14.51
C ALA A 85 17.31 9.16 14.55
N SER A 86 16.67 8.80 13.43
CA SER A 86 16.01 7.50 13.31
C SER A 86 17.08 6.42 13.29
N TYR A 87 18.16 6.68 12.55
CA TYR A 87 19.27 5.74 12.46
C TYR A 87 20.01 5.62 13.78
N TRP A 88 20.25 6.74 14.44
CA TRP A 88 20.94 6.77 15.73
C TRP A 88 20.18 5.87 16.73
N THR A 89 18.86 6.02 16.80
CA THR A 89 18.07 5.22 17.72
C THR A 89 18.28 3.70 17.51
N THR A 90 18.20 3.27 16.24
N THR A 90 18.22 3.23 16.25
CA THR A 90 18.38 1.87 15.87
CA THR A 90 18.38 1.81 15.97
C THR A 90 19.72 1.35 16.38
C THR A 90 19.76 1.30 16.36
N GLN A 92 21.40 2.25 18.92
CA GLN A 92 21.48 2.16 20.38
C GLN A 92 20.98 0.82 20.90
N LEU A 93 20.11 0.17 20.15
CA LEU A 93 19.42 -1.03 20.61
C LEU A 93 20.32 -2.27 20.53
N GLN A 94 20.40 -2.98 21.64
CA GLN A 94 21.17 -4.24 21.69
C GLN A 94 20.22 -5.44 21.52
N ALA A 95 20.75 -6.68 21.50
CA ALA A 95 19.92 -7.86 21.21
C ALA A 95 18.66 -7.95 22.07
N GLU A 96 18.81 -7.74 23.38
CA GLU A 96 17.71 -7.91 24.32
C GLU A 96 16.56 -6.91 24.06
N HIS A 97 16.91 -5.66 23.67
CA HIS A 97 15.91 -4.64 23.37
C HIS A 97 15.21 -4.95 22.06
N LEU A 98 16.00 -5.34 21.05
CA LEU A 98 15.44 -5.79 19.77
C LEU A 98 14.50 -6.98 19.93
N GLN A 99 14.91 -7.98 20.71
CA GLN A 99 14.05 -9.17 20.94
C GLN A 99 12.75 -8.78 21.62
N TYR A 100 12.83 -7.88 22.59
CA TYR A 100 11.63 -7.49 23.28
C TYR A 100 10.64 -6.77 22.34
N LEU A 101 11.14 -5.78 21.62
CA LEU A 101 10.31 -5.01 20.68
C LEU A 101 9.71 -5.93 19.62
N GLU A 102 10.52 -6.86 19.08
CA GLU A 102 10.05 -7.83 18.11
C GLU A 102 8.94 -8.71 18.66
N SER A 103 8.89 -8.86 19.98
CA SER A 103 7.90 -9.79 20.54
C SER A 103 6.52 -9.17 20.65
N LEU A 104 6.44 -7.82 20.56
CA LEU A 104 5.23 -7.12 20.96
C LEU A 104 4.11 -7.27 19.93
N PRO A 105 2.87 -7.48 20.42
CA PRO A 105 1.70 -7.52 19.58
C PRO A 105 1.35 -6.10 19.13
N ASN A 106 0.65 -5.96 18.01
CA ASN A 106 0.15 -4.62 17.67
C ASN A 106 -1.22 -4.32 18.31
N ARG A 107 -1.81 -5.33 18.95
CA ARG A 107 -3.15 -5.16 19.50
C ARG A 107 -3.32 -6.06 20.69
N ILE A 109 -6.50 -7.33 23.21
CA ILE A 109 -7.91 -7.36 23.61
C ILE A 109 -8.01 -8.16 24.89
N ASP A 110 -8.50 -7.53 25.97
CA ASP A 110 -8.71 -8.24 27.24
C ASP A 110 -9.93 -7.65 27.93
N GLY A 111 -11.00 -8.44 28.02
CA GLY A 111 -12.19 -8.08 28.78
C GLY A 111 -12.86 -6.88 28.16
N ASP A 112 -13.02 -5.83 28.96
CA ASP A 112 -13.67 -4.60 28.50
C ASP A 112 -12.76 -3.62 27.73
N TRP A 113 -11.54 -4.03 27.40
CA TRP A 113 -10.68 -3.08 26.67
C TRP A 113 -9.88 -3.63 25.50
N THR A 114 -9.66 -2.77 24.51
CA THR A 114 -8.82 -3.04 23.38
C THR A 114 -7.75 -1.97 23.46
N VAL A 115 -6.49 -2.35 23.17
CA VAL A 115 -5.37 -1.41 23.25
C VAL A 115 -4.50 -1.52 21.99
N VAL A 116 -4.28 -0.39 21.33
CA VAL A 116 -3.45 -0.28 20.12
C VAL A 116 -2.67 1.04 20.20
N HIS A 117 -1.65 1.15 19.37
CA HIS A 117 -0.88 2.36 19.35
C HIS A 117 -1.64 3.47 18.61
N GLY A 118 -2.20 3.13 17.47
CA GLY A 118 -2.78 4.13 16.57
C GLY A 118 -4.30 4.03 16.53
N SER A 119 -4.81 3.03 15.83
CA SER A 119 -6.25 2.91 15.77
C SER A 119 -6.66 1.45 15.64
N PRO A 120 -7.89 1.10 16.05
CA PRO A 120 -8.22 -0.32 15.86
C PRO A 120 -8.39 -0.75 14.39
N ARG A 121 -8.58 0.19 13.47
CA ARG A 121 -8.52 -0.16 12.04
C ARG A 121 -7.10 -0.46 11.59
N HIS A 122 -6.17 0.39 12.02
CA HIS A 122 -4.76 0.31 11.61
C HIS A 122 -3.87 0.50 12.81
N PRO A 123 -3.61 -0.58 13.57
CA PRO A 123 -3.02 -0.50 14.90
C PRO A 123 -1.76 0.35 15.03
N ILE A 124 -0.84 0.21 14.06
CA ILE A 124 0.47 0.87 14.16
C ILE A 124 0.43 2.31 13.66
N TRP A 125 -0.49 2.57 12.75
CA TRP A 125 -0.29 3.72 11.84
C TRP A 125 -1.29 4.86 11.92
N GLU A 126 -2.55 4.56 12.21
CA GLU A 126 -3.60 5.58 11.99
C GLU A 126 -3.78 6.49 13.20
N TYR A 127 -3.81 7.80 12.97
CA TYR A 127 -4.07 8.78 14.03
C TYR A 127 -5.57 8.95 14.24
N ILE A 128 -6.00 9.06 15.48
CA ILE A 128 -7.38 9.45 15.76
C ILE A 128 -7.40 10.81 16.45
N TYR A 129 -7.81 11.85 15.74
CA TYR A 129 -7.86 13.18 16.35
C TYR A 129 -9.11 13.99 16.00
N ASN A 130 -10.06 13.36 15.31
CA ASN A 130 -11.34 14.02 15.02
C ASN A 130 -12.51 13.03 15.05
N ALA A 131 -13.74 13.55 14.95
CA ALA A 131 -14.93 12.68 15.03
C ALA A 131 -15.07 11.71 13.85
N ARG A 132 -14.74 12.19 12.65
N ARG A 132 -14.76 12.15 12.63
CA ARG A 132 -14.78 11.43 11.40
CA ARG A 132 -14.93 11.26 11.47
C ARG A 132 -14.05 10.09 11.52
C ARG A 132 -14.06 10.01 11.55
N ILE A 133 -12.79 10.16 11.94
CA ILE A 133 -11.92 9.00 12.07
C ILE A 133 -12.37 8.19 13.29
N ALA A 134 -12.77 8.86 14.36
CA ALA A 134 -13.26 8.13 15.56
C ALA A 134 -14.45 7.28 15.18
N ALA A 135 -15.36 7.88 14.42
CA ALA A 135 -16.57 7.22 13.95
C ALA A 135 -16.27 5.96 13.13
N LEU A 136 -15.25 6.03 12.29
CA LEU A 136 -14.86 4.88 11.49
C LEU A 136 -14.23 3.77 12.35
N ASN A 137 -13.83 4.12 13.57
CA ASN A 137 -13.08 3.20 14.43
C ASN A 137 -13.89 2.48 15.50
N PHE A 138 -15.03 3.04 15.85
CA PHE A 138 -15.94 2.38 16.80
C PHE A 138 -16.44 1.01 16.34
N PRO A 139 -16.76 0.83 15.04
CA PRO A 139 -17.07 -0.53 14.56
C PRO A 139 -15.87 -1.48 14.52
N ALA A 140 -14.65 -0.92 14.59
CA ALA A 140 -13.41 -1.69 14.49
C ALA A 140 -12.93 -2.36 15.81
N PHE A 141 -13.60 -2.08 16.91
CA PHE A 141 -13.35 -2.82 18.15
C PHE A 141 -14.69 -3.16 18.76
N ASP A 142 -14.73 -4.22 19.57
CA ASP A 142 -15.98 -4.77 20.08
C ASP A 142 -16.00 -4.84 21.62
N THR A 143 -15.19 -4.02 22.26
CA THR A 143 -15.19 -3.93 23.71
C THR A 143 -15.78 -2.56 24.08
N PRO A 144 -16.18 -2.36 25.35
CA PRO A 144 -16.63 -1.05 25.77
C PRO A 144 -15.57 0.03 25.55
N LEU A 145 -14.28 -0.29 25.72
CA LEU A 145 -13.25 0.76 25.69
C LEU A 145 -12.14 0.44 24.69
N CYS A 146 -11.63 1.45 23.99
CA CYS A 146 -10.38 1.34 23.20
C CYS A 146 -9.39 2.43 23.58
N PHE A 147 -8.18 2.02 23.97
CA PHE A 147 -7.11 2.94 24.33
C PHE A 147 -6.15 3.05 23.18
N VAL A 148 -5.82 4.30 22.84
CA VAL A 148 -4.95 4.59 21.71
C VAL A 148 -3.91 5.66 22.09
N GLY A 149 -2.81 5.74 21.33
CA GLY A 149 -1.80 6.81 21.51
C GLY A 149 -1.53 7.52 20.20
N HIS A 150 -0.25 7.71 19.89
CA HIS A 150 0.25 8.09 18.53
C HIS A 150 0.10 9.59 18.21
N THR A 151 -0.96 10.23 18.66
CA THR A 151 -1.11 11.66 18.39
C THR A 151 -0.27 12.52 19.35
N HIS A 152 0.04 11.98 20.53
CA HIS A 152 0.77 12.71 21.60
C HIS A 152 -0.10 13.80 22.22
N VAL A 153 -1.41 13.62 22.09
CA VAL A 153 -2.36 14.55 22.68
C VAL A 153 -3.42 13.75 23.44
N PRO A 154 -3.62 14.05 24.74
CA PRO A 154 -4.67 13.31 25.40
C PRO A 154 -6.05 13.65 24.83
N LEU A 155 -6.97 12.69 24.86
CA LEU A 155 -8.21 12.78 24.13
C LEU A 155 -9.20 11.77 24.70
N TYR A 156 -10.49 12.11 24.65
CA TYR A 156 -11.54 11.13 24.80
C TYR A 156 -12.75 11.50 23.94
N ILE A 157 -13.41 10.48 23.40
CA ILE A 157 -14.68 10.71 22.67
C ILE A 157 -15.60 9.52 22.93
N ARG A 158 -16.88 9.77 23.19
CA ARG A 158 -17.88 8.69 23.27
C ARG A 158 -18.43 8.31 21.87
N GLU A 159 -18.94 7.09 21.76
CA GLU A 159 -19.40 6.57 20.48
C GLU A 159 -20.53 7.41 19.87
N ASP A 160 -21.52 7.78 20.68
CA ASP A 160 -22.62 8.60 20.15
C ASP A 160 -22.16 9.98 19.65
N GLU A 161 -21.17 10.58 20.33
CA GLU A 161 -20.61 11.85 19.92
C GLU A 161 -19.91 11.68 18.57
N ALA A 162 -19.05 10.66 18.47
CA ALA A 162 -18.31 10.41 17.24
C ALA A 162 -19.29 10.23 16.09
N LEU A 163 -20.35 9.45 16.32
CA LEU A 163 -21.31 9.13 15.25
C LEU A 163 -22.16 10.34 14.84
N SER A 164 -22.32 11.30 15.75
CA SER A 164 -23.03 12.55 15.45
C SER A 164 -22.07 13.66 15.10
N ASN A 165 -20.80 13.30 14.84
CA ASN A 165 -19.76 14.24 14.45
C ASN A 165 -19.43 15.36 15.48
N VAL A 166 -19.61 15.04 16.76
CA VAL A 166 -19.23 15.93 17.86
C VAL A 166 -17.72 15.82 18.09
N ALA A 167 -17.04 16.96 18.13
CA ALA A 167 -15.59 17.00 18.35
C ALA A 167 -15.14 16.21 19.61
N PRO A 168 -13.96 15.52 19.54
CA PRO A 168 -13.42 14.85 20.74
C PRO A 168 -12.99 15.87 21.80
N HIS A 169 -12.80 15.43 23.03
CA HIS A 169 -12.50 16.32 24.14
C HIS A 169 -11.03 16.23 24.44
N HIS A 170 -10.41 17.37 24.75
CA HIS A 170 -9.04 17.42 25.23
C HIS A 170 -9.10 17.60 26.75
N PRO A 171 -8.82 16.54 27.52
CA PRO A 171 -8.94 16.65 28.97
C PRO A 171 -7.87 17.55 29.58
N ASN A 172 -8.24 18.24 30.65
CA ASN A 172 -7.32 19.10 31.40
C ASN A 172 -6.59 18.22 32.39
N ASP A 173 -5.58 18.80 33.02
CA ASP A 173 -4.86 18.15 34.12
C ASP A 173 -5.83 17.87 35.27
N GLY A 174 -5.97 16.61 35.66
CA GLY A 174 -6.86 16.24 36.78
C GLY A 174 -8.29 15.89 36.39
N GLU A 175 -8.61 15.99 35.11
CA GLU A 175 -9.97 15.77 34.64
C GLU A 175 -10.34 14.31 34.81
N VAL A 176 -11.49 14.10 35.44
CA VAL A 176 -12.04 12.77 35.70
C VAL A 176 -13.10 12.47 34.66
N LEU A 177 -12.92 11.36 33.96
CA LEU A 177 -13.90 10.88 32.98
C LEU A 177 -14.60 9.63 33.50
N ASP A 178 -15.94 9.73 33.53
CA ASP A 178 -16.86 8.66 33.89
C ASP A 178 -17.11 7.78 32.65
N VAL A 179 -16.55 6.58 32.62
CA VAL A 179 -16.79 5.69 31.48
C VAL A 179 -17.89 4.66 31.73
N SER A 180 -18.79 4.94 32.69
CA SER A 180 -19.91 4.05 33.07
C SER A 180 -20.79 3.60 31.92
N SER A 181 -21.22 4.54 31.11
CA SER A 181 -22.11 4.18 30.01
C SER A 181 -21.59 4.60 28.66
N GLY A 182 -21.86 3.77 27.65
CA GLY A 182 -21.40 4.02 26.30
C GLY A 182 -19.96 3.60 26.12
N ARG A 183 -19.56 3.55 24.87
CA ARG A 183 -18.25 3.10 24.52
C ARG A 183 -17.37 4.33 24.29
N TYR A 184 -16.05 4.21 24.54
CA TYR A 184 -15.12 5.35 24.49
C TYR A 184 -13.84 5.00 23.76
N ILE A 185 -13.26 5.97 23.07
CA ILE A 185 -11.87 5.89 22.58
C ILE A 185 -11.15 6.92 23.44
N ILE A 186 -10.02 6.53 24.05
CA ILE A 186 -9.32 7.30 25.09
C ILE A 186 -7.84 7.27 24.79
N ASN A 187 -7.19 8.45 24.83
CA ASN A 187 -5.75 8.61 24.57
C ASN A 187 -5.13 9.26 25.82
N PRO A 188 -4.12 8.61 26.42
CA PRO A 188 -3.46 9.19 27.60
C PRO A 188 -2.47 10.33 27.30
N GLY A 189 -2.33 10.69 26.02
CA GLY A 189 -1.30 11.68 25.60
C GLY A 189 0.08 11.02 25.59
N ALA A 190 1.13 11.82 25.46
CA ALA A 190 2.49 11.28 25.42
C ALA A 190 3.21 11.57 26.70
N VAL A 191 3.91 10.57 27.19
CA VAL A 191 4.86 10.78 28.29
C VAL A 191 6.04 11.64 27.81
N GLY A 192 6.55 11.36 26.61
CA GLY A 192 7.90 11.80 26.29
C GLY A 192 8.01 12.89 25.24
N GLN A 193 6.90 13.21 24.56
CA GLN A 193 6.97 14.27 23.54
C GLN A 193 5.56 14.82 23.33
N PRO A 194 5.02 15.56 24.33
CA PRO A 194 3.66 16.05 24.13
C PRO A 194 3.60 17.06 22.97
N ARG A 195 2.47 17.12 22.29
CA ARG A 195 2.32 17.92 21.07
C ARG A 195 1.12 18.88 21.18
N ASP A 196 0.65 19.15 22.39
CA ASP A 196 -0.54 20.01 22.54
C ASP A 196 -0.23 21.40 23.09
N GLY A 197 1.06 21.77 23.07
CA GLY A 197 1.48 23.09 23.55
C GLY A 197 1.70 23.14 25.05
N ASP A 198 1.48 22.00 25.72
CA ASP A 198 1.74 21.86 27.16
C ASP A 198 2.96 20.95 27.29
N PRO A 199 4.11 21.51 27.74
CA PRO A 199 5.35 20.72 27.81
C PRO A 199 5.35 19.65 28.92
N ARG A 200 4.34 19.61 29.76
CA ARG A 200 4.28 18.54 30.77
C ARG A 200 4.00 17.16 30.15
N ALA A 201 4.66 16.13 30.70
CA ALA A 201 4.36 14.74 30.44
C ALA A 201 2.88 14.45 30.71
N SER A 202 2.33 13.53 29.94
CA SER A 202 0.91 13.20 30.02
C SER A 202 0.72 11.71 30.26
N TYR A 203 -0.25 11.38 31.11
CA TYR A 203 -0.61 9.98 31.31
C TYR A 203 -2.03 9.90 31.82
N ALA A 204 -2.60 8.69 31.87
CA ALA A 204 -3.90 8.49 32.53
C ALA A 204 -3.85 7.42 33.60
N ILE A 205 -4.80 7.52 34.52
CA ILE A 205 -5.04 6.49 35.52
C ILE A 205 -6.42 5.91 35.31
N PHE A 206 -6.46 4.60 35.13
CA PHE A 206 -7.72 3.89 34.84
C PHE A 206 -8.06 3.06 36.06
N GLU A 207 -9.29 3.22 36.57
CA GLU A 207 -9.81 2.44 37.68
C GLU A 207 -11.07 1.74 37.20
N PRO A 208 -10.90 0.51 36.67
CA PRO A 208 -12.02 -0.16 36.02
C PRO A 208 -13.17 -0.43 36.98
N ASP A 209 -12.88 -0.71 38.25
CA ASP A 209 -13.96 -1.01 39.20
C ASP A 209 -14.81 0.24 39.47
N ALA A 210 -14.18 1.42 39.43
CA ALA A 210 -14.92 2.66 39.65
C ALA A 210 -15.45 3.22 38.34
N GLN A 211 -15.10 2.57 37.23
CA GLN A 211 -15.46 3.01 35.85
C GLN A 211 -15.05 4.44 35.56
N ARG A 212 -13.78 4.72 35.83
CA ARG A 212 -13.27 6.07 35.85
C ARG A 212 -11.89 6.09 35.18
N VAL A 213 -11.65 7.13 34.38
CA VAL A 213 -10.30 7.42 33.84
C VAL A 213 -9.96 8.85 34.27
N THR A 214 -8.80 9.04 34.88
CA THR A 214 -8.35 10.38 35.30
C THR A 214 -7.09 10.76 34.52
N PHE A 215 -7.09 11.96 33.95
CA PHE A 215 -5.98 12.41 33.10
C PHE A 215 -5.04 13.29 33.90
N HIS A 216 -3.74 13.07 33.74
CA HIS A 216 -2.76 13.80 34.54
C HIS A 216 -1.65 14.38 33.69
N ARG A 217 -1.17 15.55 34.08
CA ARG A 217 0.08 16.08 33.54
C ARG A 217 1.11 16.26 34.66
N VAL A 218 2.37 16.04 34.36
CA VAL A 218 3.42 16.25 35.34
C VAL A 218 4.62 16.94 34.72
N GLU A 219 5.09 17.98 35.40
CA GLU A 219 6.32 18.66 35.01
C GLU A 219 7.48 17.70 35.17
N TYR A 220 8.48 17.82 34.31
CA TYR A 220 9.69 17.01 34.46
C TYR A 220 10.85 17.89 34.07
N ARG A 221 12.08 17.44 34.31
CA ARG A 221 13.23 18.29 34.05
C ARG A 221 13.61 18.22 32.57
N ILE A 222 12.92 19.02 31.76
CA ILE A 222 13.15 19.10 30.32
C ILE A 222 14.61 19.42 30.01
N ALA A 223 15.21 20.34 30.79
CA ALA A 223 16.62 20.71 30.64
C ALA A 223 17.53 19.48 30.65
N ASP A 224 17.20 18.49 31.47
CA ASP A 224 18.06 17.31 31.62
C ASP A 224 17.96 16.40 30.38
N THR A 225 16.74 16.19 29.88
CA THR A 225 16.55 15.43 28.64
C THR A 225 17.25 16.18 27.49
N GLN A 226 17.04 17.50 27.46
CA GLN A 226 17.67 18.34 26.45
C GLN A 226 19.21 18.24 26.49
N ALA A 227 19.78 18.28 27.69
CA ALA A 227 21.23 18.10 27.87
C ALA A 227 21.71 16.73 27.34
N GLN A 228 20.95 15.69 27.65
CA GLN A 228 21.29 14.35 27.22
C GLN A 228 21.19 14.22 25.69
N ARG A 230 21.61 16.79 23.50
CA ARG A 230 22.73 17.55 22.96
C ARG A 230 24.04 16.78 23.10
N GLU A 231 24.19 16.05 24.20
CA GLU A 231 25.35 15.21 24.43
C GLU A 231 25.44 14.11 23.36
N ALA A 232 24.29 13.54 22.98
CA ALA A 232 24.24 12.49 21.95
C ALA A 232 24.40 13.03 20.51
N GLY A 233 24.36 14.35 20.37
CA GLY A 233 24.45 15.00 19.05
C GLY A 233 23.15 14.98 18.27
N LEU A 234 22.01 14.80 18.95
CA LEU A 234 20.68 14.81 18.31
C LEU A 234 20.29 16.19 17.76
N PRO A 235 19.53 16.23 16.65
CA PRO A 235 19.27 17.53 15.98
C PRO A 235 18.55 18.55 16.88
N GLU A 236 18.94 19.81 16.76
CA GLU A 236 18.43 20.88 17.60
C GLU A 236 16.92 21.10 17.51
N SER A 237 16.34 20.86 16.33
CA SER A 237 14.89 20.96 16.17
C SER A 237 14.12 19.99 17.09
N LEU A 238 14.68 18.81 17.34
CA LEU A 238 14.04 17.87 18.26
C LEU A 238 14.23 18.29 19.71
N VAL A 239 15.39 18.89 19.99
CA VAL A 239 15.75 19.30 21.35
C VAL A 239 14.80 20.43 21.80
N THR A 240 14.62 21.41 20.92
N THR A 240 14.59 21.42 20.93
CA THR A 240 13.80 22.60 21.22
CA THR A 240 13.81 22.59 21.29
C THR A 240 12.31 22.31 21.41
C THR A 240 12.28 22.37 21.38
N ARG A 241 11.73 21.47 20.55
CA ARG A 241 10.30 21.10 20.64
C ARG A 241 9.79 20.78 22.02
N LEU A 242 10.62 20.10 22.79
CA LEU A 242 10.28 19.63 24.13
C LEU A 242 9.95 20.73 25.10
N ALA A 243 10.60 21.87 24.98
CA ALA A 243 10.30 23.02 25.83
C ALA A 243 8.96 23.63 25.46
N ALA A 244 8.60 23.55 24.20
CA ALA A 244 7.37 24.14 23.68
C ALA A 244 6.15 23.21 23.73
N GLY A 245 6.38 21.91 23.90
CA GLY A 245 5.30 20.94 23.85
C GLY A 245 4.67 20.85 22.46
N VAL A 246 5.52 20.93 21.43
CA VAL A 246 5.05 20.76 20.03
C VAL A 246 5.76 19.60 19.30
N ARG B 5 11.48 20.53 7.78
CA ARG B 5 11.87 20.23 6.38
C ARG B 5 11.70 18.72 6.12
N ILE B 6 10.87 18.34 5.15
CA ILE B 6 10.49 16.95 4.97
C ILE B 6 10.91 16.40 3.61
N LEU B 7 11.65 15.30 3.61
CA LEU B 7 11.98 14.66 2.35
C LEU B 7 10.86 13.73 1.93
N ILE B 8 10.34 13.92 0.72
CA ILE B 8 9.29 13.06 0.18
C ILE B 8 9.81 12.28 -1.03
N ILE B 9 9.73 10.95 -0.95
CA ILE B 9 10.28 10.09 -1.95
C ILE B 9 9.27 9.06 -2.33
N SER B 10 9.41 8.61 -3.56
CA SER B 10 8.51 7.60 -4.11
C SER B 10 9.25 6.75 -5.12
N ASP B 11 8.72 5.54 -5.33
CA ASP B 11 9.12 4.70 -6.44
C ASP B 11 10.63 4.53 -6.48
N VAL B 12 11.18 4.15 -5.32
CA VAL B 12 12.63 3.86 -5.20
C VAL B 12 13.00 2.65 -6.07
N HIS B 13 12.11 1.66 -6.11
CA HIS B 13 12.27 0.52 -7.00
C HIS B 13 13.65 -0.16 -6.91
N ALA B 14 14.04 -0.50 -5.68
CA ALA B 14 15.25 -1.25 -5.41
C ALA B 14 16.52 -0.60 -5.96
N ASN B 15 16.48 0.71 -6.19
CA ASN B 15 17.60 1.39 -6.79
C ASN B 15 18.37 2.08 -5.67
N LEU B 16 19.26 1.28 -5.06
CA LEU B 16 19.96 1.68 -3.85
C LEU B 16 20.96 2.82 -4.10
N VAL B 17 21.64 2.78 -5.24
CA VAL B 17 22.54 3.87 -5.64
C VAL B 17 21.76 5.22 -5.74
N ALA B 18 20.62 5.20 -6.41
CA ALA B 18 19.80 6.40 -6.54
C ALA B 18 19.27 6.90 -5.19
N LEU B 19 18.83 5.97 -4.33
CA LEU B 19 18.31 6.32 -3.00
C LEU B 19 19.41 6.99 -2.17
N GLU B 20 20.63 6.45 -2.22
CA GLU B 20 21.75 7.04 -1.49
C GLU B 20 22.09 8.44 -2.02
N ALA B 21 22.06 8.59 -3.35
CA ALA B 21 22.31 9.90 -3.95
C ALA B 21 21.30 10.96 -3.49
N VAL B 22 20.02 10.56 -3.38
CA VAL B 22 18.95 11.45 -2.93
C VAL B 22 19.13 11.82 -1.44
N LEU B 23 19.37 10.81 -0.61
CA LEU B 23 19.65 11.02 0.82
C LEU B 23 20.83 11.95 1.03
N SER B 24 21.85 11.83 0.19
CA SER B 24 23.02 12.70 0.33
C SER B 24 22.69 14.13 -0.10
N ASP B 25 21.99 14.25 -1.23
CA ASP B 25 21.63 15.54 -1.80
C ASP B 25 20.60 16.32 -0.97
N ALA B 26 19.75 15.60 -0.24
CA ALA B 26 18.58 16.20 0.42
C ALA B 26 18.92 17.12 1.59
N GLY B 27 20.08 16.91 2.20
CA GLY B 27 20.53 17.72 3.33
C GLY B 27 19.88 17.36 4.66
N ARG B 28 19.78 18.37 5.52
CA ARG B 28 19.15 18.24 6.85
C ARG B 28 17.62 18.20 6.72
N VAL B 29 17.06 17.05 7.08
CA VAL B 29 15.61 16.89 7.09
C VAL B 29 15.10 16.32 8.41
N ASP B 30 13.90 16.73 8.77
CA ASP B 30 13.28 16.40 10.04
C ASP B 30 12.50 15.11 9.96
N ASP B 31 12.14 14.71 8.74
CA ASP B 31 11.41 13.47 8.53
C ASP B 31 11.52 13.10 7.05
N ILE B 32 11.39 11.81 6.77
CA ILE B 32 11.39 11.30 5.40
C ILE B 32 10.11 10.50 5.20
N TRP B 33 9.38 10.79 4.12
CA TRP B 33 8.16 10.05 3.84
C TRP B 33 8.34 9.24 2.57
N SER B 34 7.81 8.01 2.59
CA SER B 34 7.91 7.09 1.47
C SER B 34 6.52 6.82 0.95
N LEU B 35 6.37 7.00 -0.35
CA LEU B 35 5.09 6.71 -1.00
C LEU B 35 5.01 5.33 -1.66
N GLY B 36 5.94 4.43 -1.32
CA GLY B 36 5.83 3.05 -1.76
C GLY B 36 6.51 2.75 -3.08
N ASP B 37 6.31 1.52 -3.56
CA ASP B 37 7.18 0.94 -4.59
C ASP B 37 8.65 1.05 -4.21
N ILE B 38 8.96 0.45 -3.07
CA ILE B 38 10.32 0.34 -2.57
C ILE B 38 11.07 -0.75 -3.34
N VAL B 39 10.35 -1.76 -3.79
CA VAL B 39 10.95 -2.87 -4.52
C VAL B 39 10.44 -2.95 -5.96
N GLY B 40 10.99 -3.88 -6.75
CA GLY B 40 10.54 -4.06 -8.11
C GLY B 40 11.46 -3.32 -9.06
N TYR B 41 11.80 -3.97 -10.17
CA TYR B 41 12.69 -3.46 -11.24
C TYR B 41 14.19 -3.45 -10.87
N GLY B 42 14.53 -2.87 -9.72
CA GLY B 42 15.92 -2.66 -9.30
C GLY B 42 16.66 -3.83 -8.67
N PRO B 43 17.99 -3.70 -8.54
CA PRO B 43 18.81 -4.83 -8.13
C PRO B 43 19.06 -4.96 -6.62
N ARG B 44 18.53 -4.02 -5.83
CA ARG B 44 18.80 -4.01 -4.38
C ARG B 44 17.52 -3.87 -3.55
N PRO B 45 16.56 -4.78 -3.74
CA PRO B 45 15.32 -4.66 -2.97
C PRO B 45 15.48 -4.81 -1.46
N ARG B 46 16.29 -5.77 -1.00
CA ARG B 46 16.47 -5.95 0.47
C ARG B 46 16.97 -4.67 1.12
N GLU B 47 18.02 -4.10 0.52
CA GLU B 47 18.71 -2.92 1.07
C GLU B 47 17.81 -1.69 1.11
N CYS B 48 17.00 -1.51 0.07
CA CYS B 48 16.10 -0.36 0.00
C CYS B 48 14.95 -0.47 1.03
N VAL B 49 14.42 -1.68 1.21
CA VAL B 49 13.44 -1.94 2.28
C VAL B 49 14.03 -1.64 3.66
N GLU B 50 15.25 -2.11 3.88
CA GLU B 50 15.89 -1.95 5.19
C GLU B 50 16.10 -0.46 5.51
N LEU B 51 16.54 0.30 4.52
CA LEU B 51 16.71 1.75 4.70
C LEU B 51 15.42 2.51 4.89
N VAL B 52 14.42 2.24 4.05
CA VAL B 52 13.14 2.96 4.14
C VAL B 52 12.47 2.68 5.49
N ARG B 53 12.52 1.44 5.93
CA ARG B 53 11.93 1.09 7.22
C ARG B 53 12.48 1.96 8.37
N VAL B 54 13.79 2.09 8.47
CA VAL B 54 14.41 2.89 9.53
C VAL B 54 14.17 4.39 9.32
N LEU B 55 14.29 4.86 8.07
CA LEU B 55 14.20 6.31 7.76
C LEU B 55 12.80 6.92 7.70
N ALA B 56 11.78 6.10 7.44
CA ALA B 56 10.44 6.62 7.32
C ALA B 56 9.50 6.04 8.39
N PRO B 57 9.73 6.38 9.69
CA PRO B 57 8.91 5.76 10.74
C PRO B 57 7.47 6.29 10.80
N ASN B 58 7.20 7.46 10.21
CA ASN B 58 5.88 8.10 10.36
C ASN B 58 4.97 7.93 9.17
N ILE B 59 5.48 8.18 7.97
CA ILE B 59 4.70 8.01 6.75
C ILE B 59 5.45 7.10 5.79
N SER B 60 4.94 5.87 5.65
CA SER B 60 5.47 4.89 4.72
C SER B 60 4.26 4.11 4.23
N VAL B 61 3.77 4.45 3.04
N VAL B 61 3.91 4.33 2.97
CA VAL B 61 2.63 3.71 2.50
CA VAL B 61 2.68 3.80 2.43
C VAL B 61 3.10 2.65 1.50
C VAL B 61 2.99 2.78 1.31
N ILE B 62 2.23 1.68 1.27
CA ILE B 62 2.52 0.57 0.35
C ILE B 62 2.24 0.93 -1.12
N GLY B 63 3.09 0.44 -2.02
CA GLY B 63 2.90 0.57 -3.47
C GLY B 63 2.39 -0.74 -4.07
N ASN B 64 1.88 -0.69 -5.31
CA ASN B 64 1.48 -1.90 -6.02
C ASN B 64 2.59 -2.93 -6.18
N HIS B 65 3.84 -2.49 -6.41
CA HIS B 65 4.93 -3.50 -6.55
C HIS B 65 5.28 -4.16 -5.22
N ASP B 66 5.21 -3.40 -4.14
CA ASP B 66 5.40 -3.98 -2.81
C ASP B 66 4.31 -5.04 -2.54
N TRP B 67 3.03 -4.67 -2.78
CA TRP B 67 1.87 -5.54 -2.59
C TRP B 67 1.95 -6.80 -3.43
N ALA B 68 2.42 -6.66 -4.66
CA ALA B 68 2.60 -7.81 -5.56
C ALA B 68 3.66 -8.76 -5.03
N CYS B 69 4.78 -8.21 -4.56
CA CYS B 69 5.96 -8.99 -4.23
C CYS B 69 5.92 -9.65 -2.86
N ILE B 70 4.88 -9.41 -2.08
CA ILE B 70 4.81 -10.11 -0.80
C ILE B 70 4.00 -11.38 -0.90
N GLY B 71 3.60 -11.70 -2.13
CA GLY B 71 2.94 -12.97 -2.38
C GLY B 71 3.95 -14.09 -2.45
N ARG B 72 3.63 -15.20 -1.78
CA ARG B 72 4.50 -16.36 -1.77
C ARG B 72 4.16 -17.23 -2.97
N LEU B 73 5.17 -17.92 -3.49
CA LEU B 73 5.00 -18.81 -4.62
C LEU B 73 5.34 -20.27 -4.27
N SER B 74 4.47 -21.18 -4.69
CA SER B 74 4.62 -22.61 -4.40
C SER B 74 5.69 -23.21 -5.31
N ASN B 79 11.48 -24.01 -13.66
CA ASN B 79 10.29 -23.36 -14.23
C ASN B 79 10.59 -21.94 -14.78
N PRO B 80 10.32 -21.74 -16.09
CA PRO B 80 10.55 -20.53 -16.89
C PRO B 80 9.99 -19.20 -16.35
N VAL B 81 9.22 -19.25 -15.26
CA VAL B 81 8.79 -18.05 -14.53
C VAL B 81 10.00 -17.30 -13.96
N ALA B 82 11.11 -18.01 -13.76
CA ALA B 82 12.35 -17.46 -13.21
C ALA B 82 12.95 -16.27 -14.00
N ARG B 83 12.55 -16.13 -15.26
CA ARG B 83 13.05 -15.06 -16.12
C ARG B 83 12.39 -13.71 -15.90
N PHE B 84 11.27 -13.68 -15.17
CA PHE B 84 10.59 -12.42 -14.92
C PHE B 84 11.25 -11.69 -13.74
N ALA B 85 11.45 -10.39 -13.92
CA ALA B 85 12.02 -9.53 -12.89
C ALA B 85 11.18 -9.51 -11.60
N SER B 86 9.86 -9.55 -11.76
CA SER B 86 8.94 -9.52 -10.62
C SER B 86 9.11 -10.77 -9.77
N TYR B 87 9.28 -11.91 -10.43
CA TYR B 87 9.60 -13.15 -9.73
C TYR B 87 10.93 -13.07 -8.96
N TRP B 88 11.99 -12.59 -9.62
CA TRP B 88 13.30 -12.45 -8.97
C TRP B 88 13.19 -11.58 -7.70
N THR B 89 12.52 -10.44 -7.83
CA THR B 89 12.32 -9.54 -6.71
C THR B 89 11.70 -10.25 -5.52
N THR B 90 10.67 -11.04 -5.79
N THR B 90 10.66 -11.04 -5.78
CA THR B 90 9.95 -11.76 -4.75
CA THR B 90 9.97 -11.77 -4.71
C THR B 90 10.88 -12.74 -4.03
C THR B 90 10.92 -12.71 -4.01
N GLN B 92 14.03 -12.40 -3.51
CA GLN B 92 15.07 -11.72 -2.73
C GLN B 92 14.62 -11.39 -1.30
N LEU B 93 13.31 -11.23 -1.11
CA LEU B 93 12.80 -10.72 0.16
C LEU B 93 12.86 -11.78 1.24
N GLN B 94 13.38 -11.42 2.41
CA GLN B 94 13.48 -12.35 3.53
C GLN B 94 12.34 -12.08 4.52
N ALA B 95 12.23 -12.89 5.58
CA ALA B 95 11.10 -12.76 6.51
C ALA B 95 10.90 -11.31 6.95
N GLU B 96 11.97 -10.65 7.39
N GLU B 96 11.99 -10.67 7.41
CA GLU B 96 11.88 -9.28 7.92
CA GLU B 96 11.99 -9.30 7.89
C GLU B 96 11.38 -8.27 6.90
C GLU B 96 11.41 -8.29 6.91
N HIS B 97 11.77 -8.44 5.63
CA HIS B 97 11.30 -7.53 4.58
C HIS B 97 9.83 -7.75 4.29
N LEU B 98 9.39 -9.01 4.23
CA LEU B 98 7.96 -9.31 3.98
C LEU B 98 7.10 -8.79 5.13
N GLN B 99 7.56 -8.98 6.35
CA GLN B 99 6.83 -8.47 7.51
C GLN B 99 6.69 -6.95 7.47
N TYR B 100 7.76 -6.25 7.08
CA TYR B 100 7.66 -4.80 7.00
C TYR B 100 6.64 -4.34 5.92
N LEU B 101 6.79 -4.86 4.70
CA LEU B 101 5.87 -4.47 3.62
C LEU B 101 4.39 -4.80 3.91
N GLU B 102 4.15 -6.00 4.43
N GLU B 102 4.11 -5.99 4.46
CA GLU B 102 2.82 -6.45 4.89
CA GLU B 102 2.71 -6.34 4.79
C GLU B 102 2.18 -5.43 5.83
C GLU B 102 2.13 -5.58 5.98
N SER B 103 3.00 -4.87 6.72
CA SER B 103 2.53 -3.99 7.81
C SER B 103 2.09 -2.59 7.37
N LEU B 104 2.39 -2.22 6.13
CA LEU B 104 2.19 -0.85 5.69
C LEU B 104 0.74 -0.55 5.35
N PRO B 105 0.26 0.66 5.71
CA PRO B 105 -1.09 1.09 5.35
C PRO B 105 -1.08 1.51 3.87
N ASN B 106 -2.25 1.57 3.24
CA ASN B 106 -2.24 2.08 1.87
C ASN B 106 -2.53 3.60 1.80
N ARG B 107 -2.81 4.23 2.96
CA ARG B 107 -3.15 5.65 3.03
C ARG B 107 -2.74 6.18 4.40
N ILE B 109 -3.26 9.83 6.68
CA ILE B 109 -3.85 11.14 6.80
C ILE B 109 -3.32 11.76 8.07
N ASP B 110 -2.76 12.96 7.95
CA ASP B 110 -2.00 13.58 9.03
C ASP B 110 -2.04 15.11 8.87
N GLY B 111 -2.87 15.77 9.69
CA GLY B 111 -3.06 17.22 9.66
C GLY B 111 -3.53 17.69 8.29
N ASP B 112 -2.70 18.42 7.59
CA ASP B 112 -3.13 18.99 6.30
C ASP B 112 -2.72 18.15 5.08
N TRP B 113 -2.33 16.88 5.30
CA TRP B 113 -1.94 16.05 4.16
C TRP B 113 -2.46 14.63 4.20
N THR B 114 -2.70 14.14 3.00
CA THR B 114 -3.10 12.77 2.76
C THR B 114 -2.02 12.21 1.87
N VAL B 115 -1.60 10.96 2.13
CA VAL B 115 -0.50 10.36 1.37
C VAL B 115 -0.90 8.97 0.91
N VAL B 116 -0.75 8.71 -0.40
CA VAL B 116 -1.07 7.43 -1.02
C VAL B 116 -0.08 7.16 -2.14
N HIS B 117 0.01 5.92 -2.57
CA HIS B 117 0.92 5.61 -3.65
C HIS B 117 0.37 6.07 -4.98
N GLY B 118 -0.94 5.85 -5.17
CA GLY B 118 -1.62 5.96 -6.46
C GLY B 118 -2.58 7.12 -6.49
N SER B 119 -3.79 6.91 -5.96
CA SER B 119 -4.79 7.97 -5.85
C SER B 119 -5.60 7.81 -4.57
N PRO B 120 -6.15 8.92 -4.05
CA PRO B 120 -7.04 8.80 -2.88
C PRO B 120 -8.30 7.97 -3.15
N ARG B 121 -8.71 7.83 -4.41
CA ARG B 121 -9.83 6.93 -4.76
C ARG B 121 -9.39 5.48 -4.74
N HIS B 122 -8.20 5.21 -5.29
CA HIS B 122 -7.66 3.83 -5.33
C HIS B 122 -6.17 3.86 -4.95
N PRO B 123 -5.91 3.78 -3.63
CA PRO B 123 -4.62 4.09 -3.05
C PRO B 123 -3.46 3.35 -3.72
N ILE B 124 -3.61 2.05 -3.96
CA ILE B 124 -2.52 1.25 -4.52
C ILE B 124 -2.37 1.41 -6.04
N TRP B 125 -3.49 1.65 -6.72
CA TRP B 125 -3.54 1.29 -8.16
C TRP B 125 -3.58 2.43 -9.15
N GLU B 126 -4.28 3.51 -8.80
CA GLU B 126 -4.65 4.52 -9.82
C GLU B 126 -3.54 5.53 -10.15
N TYR B 127 -3.32 5.78 -11.44
CA TYR B 127 -2.34 6.75 -11.88
C TYR B 127 -3.03 8.11 -12.06
N ILE B 128 -2.47 9.15 -11.46
CA ILE B 128 -2.99 10.49 -11.68
C ILE B 128 -2.05 11.13 -12.69
N TYR B 129 -2.44 11.10 -13.96
CA TYR B 129 -1.57 11.53 -15.06
C TYR B 129 -2.14 12.65 -15.93
N ASN B 130 -3.40 13.03 -15.68
CA ASN B 130 -4.02 14.15 -16.40
C ASN B 130 -5.04 14.88 -15.53
N ALA B 131 -5.62 15.95 -16.05
CA ALA B 131 -6.57 16.75 -15.27
C ALA B 131 -7.92 16.07 -14.99
N ARG B 132 -8.40 15.26 -15.94
CA ARG B 132 -9.66 14.51 -15.75
C ARG B 132 -9.58 13.62 -14.50
N ILE B 133 -8.46 12.89 -14.37
CA ILE B 133 -8.30 11.97 -13.24
C ILE B 133 -8.02 12.77 -11.95
N ALA B 134 -7.21 13.81 -12.06
CA ALA B 134 -6.95 14.68 -10.91
C ALA B 134 -8.27 15.24 -10.37
N ALA B 135 -9.12 15.71 -11.27
CA ALA B 135 -10.43 16.26 -10.92
C ALA B 135 -11.36 15.27 -10.22
N LEU B 136 -11.34 14.00 -10.64
CA LEU B 136 -12.11 12.97 -9.92
C LEU B 136 -11.51 12.63 -8.55
N ASN B 137 -10.26 13.00 -8.33
CA ASN B 137 -9.61 12.70 -7.04
C ASN B 137 -9.69 13.78 -5.95
N PHE B 138 -9.91 15.04 -6.33
CA PHE B 138 -10.06 16.10 -5.33
C PHE B 138 -11.19 15.86 -4.30
N PRO B 139 -12.36 15.33 -4.74
CA PRO B 139 -13.39 14.96 -3.75
C PRO B 139 -13.03 13.77 -2.83
N ALA B 140 -11.99 13.02 -3.17
CA ALA B 140 -11.69 11.76 -2.45
C ALA B 140 -10.65 11.90 -1.32
N PHE B 141 -10.17 13.13 -1.12
CA PHE B 141 -9.41 13.47 0.09
C PHE B 141 -9.94 14.78 0.67
N ASP B 142 -9.81 14.95 2.00
CA ASP B 142 -10.43 16.07 2.75
C ASP B 142 -9.40 17.01 3.42
N THR B 143 -8.14 16.96 2.95
CA THR B 143 -7.06 17.78 3.50
C THR B 143 -6.71 18.78 2.39
N PRO B 144 -5.98 19.87 2.72
CA PRO B 144 -5.48 20.75 1.64
C PRO B 144 -4.53 20.06 0.61
N LEU B 145 -3.76 19.08 1.06
CA LEU B 145 -2.76 18.49 0.19
C LEU B 145 -2.90 16.97 0.06
N CYS B 146 -2.60 16.46 -1.14
CA CYS B 146 -2.48 15.03 -1.38
C CYS B 146 -1.20 14.73 -2.13
N PHE B 147 -0.36 13.88 -1.54
CA PHE B 147 0.88 13.46 -2.18
C PHE B 147 0.67 12.06 -2.75
N VAL B 148 1.06 11.90 -4.01
CA VAL B 148 0.88 10.64 -4.75
C VAL B 148 2.17 10.31 -5.50
N GLY B 149 2.34 9.03 -5.85
CA GLY B 149 3.43 8.60 -6.72
C GLY B 149 2.92 7.80 -7.93
N HIS B 150 3.61 6.70 -8.21
CA HIS B 150 3.11 5.68 -9.16
C HIS B 150 3.35 6.01 -10.66
N THR B 151 3.35 7.28 -11.05
CA THR B 151 3.61 7.62 -12.46
C THR B 151 5.10 7.69 -12.78
N HIS B 152 5.93 7.89 -11.75
CA HIS B 152 7.38 8.16 -11.92
C HIS B 152 7.65 9.49 -12.62
N VAL B 153 6.69 10.41 -12.53
CA VAL B 153 6.85 11.74 -13.17
C VAL B 153 6.41 12.76 -12.11
N PRO B 154 7.28 13.72 -11.77
CA PRO B 154 6.84 14.74 -10.83
C PRO B 154 5.74 15.60 -11.41
N LEU B 155 4.84 16.09 -10.57
CA LEU B 155 3.64 16.77 -11.03
C LEU B 155 3.10 17.62 -9.91
N TYR B 156 2.55 18.78 -10.23
CA TYR B 156 1.57 19.38 -9.33
C TYR B 156 0.39 19.94 -10.09
N ILE B 157 -0.78 19.90 -9.47
CA ILE B 157 -1.97 20.54 -10.03
C ILE B 157 -2.90 21.03 -8.88
N ARG B 158 -3.42 22.26 -9.02
CA ARG B 158 -4.36 22.89 -8.06
C ARG B 158 -5.79 22.46 -8.39
N GLU B 159 -6.68 22.47 -7.39
CA GLU B 159 -8.04 21.99 -7.57
C GLU B 159 -8.80 22.72 -8.68
N ASP B 160 -8.75 24.04 -8.64
CA ASP B 160 -9.41 24.86 -9.67
C ASP B 160 -8.92 24.55 -11.09
N GLU B 161 -7.64 24.21 -11.23
CA GLU B 161 -7.06 23.86 -12.53
C GLU B 161 -7.59 22.51 -13.02
N ALA B 162 -7.59 21.52 -12.14
CA ALA B 162 -8.14 20.20 -12.47
C ALA B 162 -9.60 20.36 -12.89
N LEU B 163 -10.38 21.11 -12.11
CA LEU B 163 -11.81 21.27 -12.38
C LEU B 163 -12.17 22.01 -13.67
N SER B 164 -11.28 22.86 -14.17
CA SER B 164 -11.52 23.49 -15.49
C SER B 164 -10.66 22.85 -16.58
N ASN B 165 -10.19 21.63 -16.30
CA ASN B 165 -9.46 20.78 -17.24
C ASN B 165 -8.12 21.33 -17.73
N VAL B 166 -7.42 22.06 -16.86
CA VAL B 166 -6.09 22.60 -17.16
C VAL B 166 -5.03 21.51 -16.92
N ALA B 167 -4.13 21.29 -17.88
CA ALA B 167 -3.13 20.21 -17.80
C ALA B 167 -2.26 20.32 -16.55
N PRO B 168 -1.85 19.17 -15.95
CA PRO B 168 -1.01 19.31 -14.75
C PRO B 168 0.37 19.87 -15.07
N HIS B 169 1.02 20.48 -14.09
CA HIS B 169 2.36 21.05 -14.31
C HIS B 169 3.38 19.96 -14.14
N HIS B 170 4.48 20.07 -14.88
CA HIS B 170 5.65 19.23 -14.67
C HIS B 170 6.79 20.11 -14.18
N PRO B 171 7.12 20.04 -12.87
CA PRO B 171 8.17 20.87 -12.29
C PRO B 171 9.56 20.58 -12.83
N ASN B 172 10.34 21.63 -12.94
CA ASN B 172 11.74 21.53 -13.29
C ASN B 172 12.58 21.38 -12.03
N ASP B 173 13.83 21.00 -12.21
CA ASP B 173 14.77 20.88 -11.11
C ASP B 173 14.89 22.22 -10.37
N GLY B 174 14.59 22.22 -9.07
CA GLY B 174 14.69 23.42 -8.23
C GLY B 174 13.44 24.26 -8.13
N GLU B 175 12.38 23.84 -8.83
CA GLU B 175 11.14 24.61 -8.87
C GLU B 175 10.44 24.65 -7.52
N VAL B 176 10.04 25.86 -7.14
CA VAL B 176 9.40 26.11 -5.87
C VAL B 176 7.90 26.32 -6.09
N LEU B 177 7.13 25.55 -5.34
CA LEU B 177 5.70 25.60 -5.35
C LEU B 177 5.22 26.17 -4.03
N ASP B 178 4.53 27.29 -4.13
CA ASP B 178 3.86 27.95 -3.03
C ASP B 178 2.48 27.28 -2.87
N VAL B 179 2.24 26.64 -1.72
CA VAL B 179 0.97 25.93 -1.53
C VAL B 179 0.06 26.59 -0.48
N SER B 180 0.25 27.88 -0.26
CA SER B 180 -0.45 28.56 0.82
C SER B 180 -1.94 28.79 0.56
N SER B 181 -2.37 28.69 -0.70
CA SER B 181 -3.78 28.86 -1.01
C SER B 181 -4.30 27.79 -1.97
N GLY B 182 -5.46 27.24 -1.68
CA GLY B 182 -6.05 26.23 -2.56
C GLY B 182 -5.55 24.84 -2.22
N ARG B 183 -6.10 23.85 -2.90
CA ARG B 183 -5.76 22.45 -2.65
C ARG B 183 -4.93 21.91 -3.81
N TYR B 184 -4.07 20.94 -3.51
CA TYR B 184 -3.08 20.42 -4.46
C TYR B 184 -2.95 18.92 -4.40
N ILE B 185 -2.71 18.34 -5.56
CA ILE B 185 -2.17 16.99 -5.70
C ILE B 185 -0.75 17.14 -6.22
N ILE B 186 0.17 16.43 -5.58
CA ILE B 186 1.59 16.61 -5.80
C ILE B 186 2.25 15.24 -5.90
N ASN B 187 3.09 15.07 -6.92
CA ASN B 187 3.92 13.88 -7.10
C ASN B 187 5.39 14.27 -7.07
N PRO B 188 6.18 13.63 -6.15
CA PRO B 188 7.59 13.93 -6.08
C PRO B 188 8.43 13.33 -7.23
N GLY B 189 7.81 12.52 -8.10
CA GLY B 189 8.54 11.84 -9.17
C GLY B 189 9.13 10.56 -8.58
N ALA B 190 10.02 9.90 -9.31
CA ALA B 190 10.58 8.62 -8.84
C ALA B 190 12.04 8.79 -8.49
N VAL B 191 12.42 8.16 -7.37
CA VAL B 191 13.81 8.08 -6.98
C VAL B 191 14.53 7.13 -7.94
N GLY B 192 13.92 5.98 -8.17
CA GLY B 192 14.64 4.87 -8.73
C GLY B 192 14.41 4.48 -10.17
N GLN B 193 13.42 5.11 -10.81
CA GLN B 193 13.14 4.84 -12.23
C GLN B 193 12.33 5.97 -12.84
N PRO B 194 12.97 7.15 -13.03
CA PRO B 194 12.20 8.26 -13.61
C PRO B 194 11.62 7.92 -15.01
N ARG B 195 10.42 8.42 -15.31
CA ARG B 195 9.83 8.16 -16.64
C ARG B 195 9.55 9.39 -17.50
N ASP B 196 10.15 10.53 -17.16
CA ASP B 196 9.87 11.78 -17.90
C ASP B 196 11.00 12.24 -18.83
N GLY B 197 11.88 11.31 -19.21
CA GLY B 197 12.98 11.61 -20.13
C GLY B 197 14.20 12.23 -19.46
N ASP B 198 14.13 12.38 -18.14
CA ASP B 198 15.24 12.91 -17.34
C ASP B 198 15.76 11.76 -16.47
N PRO B 199 17.02 11.30 -16.72
CA PRO B 199 17.52 10.12 -16.01
C PRO B 199 17.87 10.37 -14.53
N ARG B 200 17.88 11.63 -14.11
CA ARG B 200 18.16 11.99 -12.73
C ARG B 200 17.05 11.50 -11.79
N ALA B 201 17.47 11.14 -10.57
CA ALA B 201 16.54 10.78 -9.51
C ALA B 201 15.69 12.01 -9.24
N SER B 202 14.44 11.78 -8.83
CA SER B 202 13.53 12.86 -8.49
C SER B 202 13.02 12.73 -7.05
N TYR B 203 12.83 13.87 -6.38
CA TYR B 203 12.25 13.91 -5.03
C TYR B 203 11.73 15.32 -4.73
N ALA B 204 11.11 15.48 -3.58
CA ALA B 204 10.62 16.79 -3.16
C ALA B 204 10.95 17.09 -1.71
N ILE B 205 10.98 18.39 -1.41
CA ILE B 205 11.20 18.89 -0.07
C ILE B 205 10.00 19.76 0.28
N PHE B 206 9.30 19.31 1.32
CA PHE B 206 8.11 19.96 1.82
C PHE B 206 8.46 20.72 3.10
N GLU B 207 8.09 21.98 3.12
CA GLU B 207 8.26 22.82 4.29
C GLU B 207 6.88 23.33 4.68
N PRO B 208 6.19 22.56 5.55
CA PRO B 208 4.79 22.81 5.92
C PRO B 208 4.54 24.19 6.54
N ASP B 209 5.47 24.69 7.35
CA ASP B 209 5.27 26.01 7.98
C ASP B 209 5.57 27.18 7.04
N ALA B 210 6.43 26.95 6.06
CA ALA B 210 6.68 27.93 4.99
C ALA B 210 5.66 27.79 3.86
N GLN B 211 4.87 26.71 3.91
CA GLN B 211 3.84 26.37 2.88
C GLN B 211 4.45 26.29 1.47
N ARG B 212 5.51 25.51 1.40
CA ARG B 212 6.36 25.44 0.25
C ARG B 212 6.76 23.99 -0.07
N VAL B 213 6.69 23.66 -1.35
CA VAL B 213 7.20 22.40 -1.85
C VAL B 213 8.26 22.69 -2.92
N THR B 214 9.45 22.12 -2.74
CA THR B 214 10.51 22.27 -3.72
C THR B 214 10.83 20.91 -4.33
N PHE B 215 10.90 20.90 -5.66
CA PHE B 215 11.15 19.71 -6.45
C PHE B 215 12.61 19.70 -6.85
N HIS B 216 13.28 18.57 -6.67
CA HIS B 216 14.69 18.42 -6.99
C HIS B 216 14.99 17.21 -7.87
N ARG B 217 16.00 17.37 -8.74
CA ARG B 217 16.60 16.25 -9.45
C ARG B 217 18.07 16.11 -9.05
N VAL B 218 18.53 14.87 -8.89
CA VAL B 218 19.93 14.62 -8.57
C VAL B 218 20.49 13.48 -9.42
N GLU B 219 21.65 13.73 -10.03
CA GLU B 219 22.39 12.72 -10.75
C GLU B 219 22.81 11.60 -9.83
N TYR B 220 22.77 10.36 -10.32
CA TYR B 220 23.39 9.28 -9.58
C TYR B 220 24.19 8.42 -10.55
N ARG B 221 24.94 7.47 -10.02
CA ARG B 221 25.82 6.67 -10.85
C ARG B 221 25.01 5.54 -11.47
N ILE B 222 24.29 5.87 -12.55
CA ILE B 222 23.41 4.91 -13.25
C ILE B 222 24.13 3.61 -13.61
N ALA B 223 25.38 3.74 -14.05
CA ALA B 223 26.20 2.60 -14.45
C ALA B 223 26.42 1.62 -13.30
N ASP B 224 26.46 2.12 -12.07
CA ASP B 224 26.54 1.26 -10.88
C ASP B 224 25.28 0.38 -10.72
N THR B 225 24.11 1.00 -10.80
CA THR B 225 22.83 0.28 -10.74
C THR B 225 22.72 -0.69 -11.90
N GLN B 226 23.09 -0.24 -13.10
CA GLN B 226 23.07 -1.11 -14.28
C GLN B 226 23.98 -2.35 -14.14
N ALA B 227 25.18 -2.14 -13.60
CA ALA B 227 26.11 -3.26 -13.40
C ALA B 227 25.56 -4.27 -12.40
N GLN B 228 24.98 -3.75 -11.30
CA GLN B 228 24.29 -4.57 -10.31
C GLN B 228 23.14 -5.40 -10.90
N ARG B 230 22.86 -6.26 -14.11
CA ARG B 230 23.44 -7.23 -15.06
C ARG B 230 24.03 -8.43 -14.33
N GLU B 231 24.66 -8.18 -13.19
CA GLU B 231 25.14 -9.24 -12.32
C GLU B 231 23.97 -10.14 -11.81
N ALA B 232 22.84 -9.52 -11.48
CA ALA B 232 21.63 -10.27 -11.08
C ALA B 232 20.92 -11.07 -12.20
N GLY B 233 21.25 -10.81 -13.46
CA GLY B 233 20.56 -11.43 -14.60
C GLY B 233 19.26 -10.75 -15.04
N LEU B 234 19.00 -9.54 -14.54
CA LEU B 234 17.77 -8.78 -14.87
C LEU B 234 17.68 -8.33 -16.34
N PRO B 235 16.45 -8.20 -16.88
CA PRO B 235 16.25 -7.90 -18.33
C PRO B 235 16.97 -6.63 -18.82
N GLU B 236 17.62 -6.72 -19.96
CA GLU B 236 18.35 -5.59 -20.56
C GLU B 236 17.45 -4.38 -20.79
N SER B 237 16.19 -4.68 -21.07
CA SER B 237 15.15 -3.68 -21.22
C SER B 237 15.03 -2.74 -20.03
N LEU B 238 14.98 -3.31 -18.81
CA LEU B 238 15.00 -2.51 -17.59
C LEU B 238 16.35 -1.82 -17.38
N VAL B 239 17.43 -2.53 -17.68
CA VAL B 239 18.77 -1.99 -17.49
C VAL B 239 18.96 -0.67 -18.26
N THR B 240 18.52 -0.63 -19.52
CA THR B 240 18.86 0.47 -20.44
C THR B 240 17.93 1.68 -20.28
N ARG B 241 16.70 1.46 -19.82
CA ARG B 241 15.75 2.56 -19.68
C ARG B 241 16.15 3.60 -18.62
N LEU B 242 16.97 3.17 -17.65
CA LEU B 242 17.49 4.06 -16.61
C LEU B 242 18.43 5.17 -17.16
N ALA B 243 19.15 4.88 -18.25
CA ALA B 243 19.97 5.89 -18.92
C ALA B 243 19.12 6.92 -19.68
N ALA B 244 18.02 6.47 -20.28
CA ALA B 244 17.11 7.39 -20.99
C ALA B 244 16.10 8.07 -20.04
N GLY B 245 15.78 7.43 -18.93
CA GLY B 245 14.76 7.94 -18.02
C GLY B 245 13.37 7.78 -18.62
N VAL B 246 13.12 6.64 -19.26
CA VAL B 246 11.85 6.40 -19.97
C VAL B 246 11.10 5.20 -19.41
N ASN C 2 13.47 -5.34 -28.34
CA ASN C 2 13.79 -4.00 -27.74
C ASN C 2 12.63 -3.35 -26.98
N ALA C 3 11.66 -2.79 -27.72
CA ALA C 3 10.59 -1.93 -27.16
C ALA C 3 9.57 -2.63 -26.21
N ARG C 5 6.70 -4.64 -24.77
CA ARG C 5 5.96 -5.81 -25.25
C ARG C 5 5.18 -6.44 -24.07
N ILE C 6 3.86 -6.40 -24.14
CA ILE C 6 3.04 -6.71 -22.98
C ILE C 6 2.19 -7.93 -23.28
N LEU C 7 2.20 -8.89 -22.37
CA LEU C 7 1.25 -10.02 -22.43
C LEU C 7 -0.06 -9.68 -21.73
N ILE C 8 -1.18 -9.84 -22.44
CA ILE C 8 -2.50 -9.57 -21.91
C ILE C 8 -3.24 -10.90 -21.80
N ILE C 9 -3.67 -11.22 -20.57
CA ILE C 9 -4.35 -12.49 -20.34
C ILE C 9 -5.63 -12.26 -19.60
N SER C 10 -6.60 -13.14 -19.80
CA SER C 10 -7.89 -13.02 -19.10
C SER C 10 -8.41 -14.39 -18.82
N ASP C 11 -9.28 -14.50 -17.82
CA ASP C 11 -10.10 -15.71 -17.65
C ASP C 11 -9.26 -16.98 -17.59
N VAL C 12 -8.23 -16.89 -16.76
CA VAL C 12 -7.36 -18.01 -16.43
C VAL C 12 -8.17 -19.12 -15.77
N HIS C 13 -9.12 -18.74 -14.91
CA HIS C 13 -10.04 -19.70 -14.31
C HIS C 13 -9.33 -20.92 -13.70
N ALA C 14 -8.29 -20.68 -12.88
CA ALA C 14 -7.62 -21.72 -12.11
C ALA C 14 -7.04 -22.84 -12.97
N ASN C 15 -6.76 -22.54 -14.22
CA ASN C 15 -6.22 -23.56 -15.10
C ASN C 15 -4.72 -23.35 -15.17
N LEU C 16 -4.01 -23.96 -14.23
CA LEU C 16 -2.56 -23.73 -14.11
C LEU C 16 -1.78 -24.25 -15.30
N VAL C 17 -2.22 -25.38 -15.85
CA VAL C 17 -1.56 -25.95 -17.01
C VAL C 17 -1.70 -25.01 -18.22
N ALA C 18 -2.88 -24.41 -18.41
CA ALA C 18 -3.07 -23.46 -19.50
C ALA C 18 -2.22 -22.20 -19.27
N LEU C 19 -2.26 -21.67 -18.05
CA LEU C 19 -1.47 -20.50 -17.69
C LEU C 19 0.03 -20.70 -17.98
N GLU C 20 0.59 -21.84 -17.56
CA GLU C 20 2.02 -22.06 -17.75
C GLU C 20 2.38 -22.19 -19.24
N ALA C 21 1.49 -22.80 -20.03
CA ALA C 21 1.74 -22.94 -21.48
C ALA C 21 1.80 -21.56 -22.11
N VAL C 22 0.90 -20.66 -21.67
CA VAL C 22 0.83 -19.29 -22.18
C VAL C 22 2.11 -18.53 -21.81
N LEU C 23 2.55 -18.69 -20.56
CA LEU C 23 3.75 -18.01 -20.08
C LEU C 23 5.00 -18.49 -20.81
N SER C 24 5.10 -19.80 -21.05
CA SER C 24 6.18 -20.35 -21.87
C SER C 24 6.11 -19.98 -23.35
N ASP C 25 4.90 -19.71 -23.85
CA ASP C 25 4.73 -19.45 -25.29
C ASP C 25 4.98 -17.96 -25.65
N ALA C 26 4.74 -17.10 -24.67
CA ALA C 26 4.70 -15.66 -24.84
C ALA C 26 6.01 -14.98 -25.19
N GLY C 27 7.13 -15.63 -24.89
CA GLY C 27 8.46 -15.08 -25.21
C GLY C 27 8.81 -13.95 -24.27
N ARG C 28 9.55 -12.98 -24.77
CA ARG C 28 10.11 -11.88 -23.97
C ARG C 28 9.05 -10.83 -23.70
N VAL C 29 8.64 -10.68 -22.43
CA VAL C 29 7.65 -9.66 -22.10
C VAL C 29 8.09 -8.70 -21.03
N ASP C 30 7.68 -7.44 -21.14
CA ASP C 30 8.08 -6.41 -20.17
C ASP C 30 7.07 -6.29 -19.03
N ASP C 31 5.82 -6.71 -19.30
CA ASP C 31 4.75 -6.63 -18.32
C ASP C 31 3.66 -7.63 -18.68
N ILE C 32 2.84 -7.93 -17.70
CA ILE C 32 1.73 -8.83 -17.85
C ILE C 32 0.51 -8.19 -17.25
N TRP C 33 -0.55 -8.08 -18.05
CA TRP C 33 -1.81 -7.58 -17.56
C TRP C 33 -2.83 -8.70 -17.44
N SER C 34 -3.53 -8.73 -16.30
CA SER C 34 -4.57 -9.73 -16.06
C SER C 34 -5.94 -9.07 -16.04
N LEU C 35 -6.87 -9.59 -16.83
CA LEU C 35 -8.21 -8.99 -16.90
C LEU C 35 -9.22 -9.70 -16.03
N GLY C 36 -8.74 -10.48 -15.07
CA GLY C 36 -9.67 -11.01 -14.06
C GLY C 36 -10.16 -12.41 -14.37
N ASP C 37 -11.00 -12.93 -13.48
CA ASP C 37 -11.39 -14.34 -13.46
C ASP C 37 -10.15 -15.25 -13.37
N ILE C 38 -9.35 -15.01 -12.34
CA ILE C 38 -8.20 -15.85 -12.04
C ILE C 38 -8.66 -17.20 -11.50
N VAL C 39 -9.78 -17.20 -10.78
CA VAL C 39 -10.33 -18.41 -10.15
C VAL C 39 -11.69 -18.84 -10.74
N GLY C 40 -12.22 -19.99 -10.31
CA GLY C 40 -13.51 -20.46 -10.79
C GLY C 40 -13.26 -21.52 -11.85
N TYR C 41 -14.09 -22.57 -11.83
CA TYR C 41 -14.09 -23.64 -12.84
C TYR C 41 -12.92 -24.59 -12.70
N GLY C 42 -11.71 -24.06 -12.78
CA GLY C 42 -10.47 -24.87 -12.79
C GLY C 42 -10.04 -25.44 -11.45
N PRO C 43 -9.04 -26.34 -11.47
CA PRO C 43 -8.67 -27.09 -10.30
C PRO C 43 -7.48 -26.49 -9.53
N ARG C 44 -6.89 -25.40 -10.03
CA ARG C 44 -5.73 -24.78 -9.35
C ARG C 44 -5.88 -23.29 -9.00
N PRO C 45 -6.97 -22.90 -8.28
CA PRO C 45 -7.20 -21.49 -7.98
C PRO C 45 -6.10 -20.80 -7.17
N ARG C 46 -5.60 -21.49 -6.15
CA ARG C 46 -4.58 -20.91 -5.28
C ARG C 46 -3.29 -20.56 -6.05
N GLU C 47 -2.82 -21.52 -6.83
CA GLU C 47 -1.59 -21.37 -7.59
C GLU C 47 -1.71 -20.29 -8.65
N CYS C 48 -2.87 -20.20 -9.29
CA CYS C 48 -3.09 -19.15 -10.27
C CYS C 48 -3.12 -17.75 -9.65
N VAL C 49 -3.69 -17.63 -8.46
CA VAL C 49 -3.77 -16.33 -7.77
C VAL C 49 -2.36 -15.87 -7.40
N GLU C 50 -1.56 -16.84 -6.93
CA GLU C 50 -0.21 -16.59 -6.49
C GLU C 50 0.65 -16.10 -7.65
N LEU C 51 0.55 -16.79 -8.77
CA LEU C 51 1.26 -16.39 -9.98
C LEU C 51 0.80 -15.06 -10.50
N VAL C 52 -0.51 -14.85 -10.61
CA VAL C 52 -0.98 -13.58 -11.19
C VAL C 52 -0.55 -12.40 -10.30
N ARG C 53 -0.65 -12.57 -8.98
CA ARG C 53 -0.28 -11.51 -8.05
C ARG C 53 1.15 -11.01 -8.32
N VAL C 54 2.08 -11.95 -8.45
CA VAL C 54 3.46 -11.59 -8.62
C VAL C 54 3.70 -11.06 -10.04
N LEU C 55 3.08 -11.66 -11.06
CA LEU C 55 3.45 -11.35 -12.46
C LEU C 55 2.77 -10.14 -13.08
N ALA C 56 1.70 -9.67 -12.44
CA ALA C 56 0.90 -8.55 -12.98
C ALA C 56 0.76 -7.47 -11.93
N PRO C 57 1.91 -6.86 -11.53
CA PRO C 57 1.95 -5.84 -10.49
C PRO C 57 1.24 -4.52 -10.86
N ASN C 58 1.12 -4.22 -12.16
CA ASN C 58 0.55 -2.92 -12.60
C ASN C 58 -0.92 -2.97 -13.02
N ILE C 59 -1.28 -3.91 -13.87
CA ILE C 59 -2.68 -4.01 -14.31
C ILE C 59 -3.22 -5.41 -14.00
N SER C 60 -4.15 -5.46 -13.03
CA SER C 60 -4.78 -6.71 -12.61
C SER C 60 -6.15 -6.29 -12.10
N VAL C 61 -7.17 -6.55 -12.89
CA VAL C 61 -8.52 -6.13 -12.52
C VAL C 61 -9.35 -7.34 -12.10
N ILE C 62 -10.36 -7.09 -11.27
CA ILE C 62 -11.16 -8.20 -10.72
C ILE C 62 -12.25 -8.66 -11.73
N GLY C 63 -12.56 -9.95 -11.75
CA GLY C 63 -13.67 -10.46 -12.61
C GLY C 63 -14.79 -10.94 -11.72
N ASN C 64 -15.90 -11.38 -12.34
CA ASN C 64 -17.04 -11.81 -11.55
C ASN C 64 -16.77 -13.06 -10.71
N HIS C 65 -15.97 -13.99 -11.21
CA HIS C 65 -15.67 -15.20 -10.40
C HIS C 65 -14.79 -14.89 -9.18
N ASP C 66 -13.81 -14.02 -9.36
CA ASP C 66 -13.01 -13.48 -8.24
C ASP C 66 -13.89 -12.77 -7.18
N TRP C 67 -14.81 -11.94 -7.66
CA TRP C 67 -15.68 -11.15 -6.81
C TRP C 67 -16.65 -12.02 -6.02
N ALA C 68 -17.08 -13.11 -6.62
CA ALA C 68 -17.97 -14.05 -5.97
C ALA C 68 -17.22 -14.76 -4.85
N CYS C 69 -15.93 -14.98 -5.02
CA CYS C 69 -15.18 -15.89 -4.14
C CYS C 69 -14.61 -15.21 -2.94
N ILE C 70 -14.71 -13.88 -2.90
CA ILE C 70 -14.37 -13.16 -1.71
C ILE C 70 -15.63 -13.12 -0.88
N GLY C 71 -16.61 -13.88 -1.40
CA GLY C 71 -17.72 -14.43 -0.68
C GLY C 71 -17.30 -15.11 0.63
N ARG C 72 -17.41 -14.31 1.69
CA ARG C 72 -17.38 -14.75 3.07
C ARG C 72 -18.47 -15.80 3.34
N LEU C 73 -18.05 -17.06 3.36
CA LEU C 73 -18.90 -18.17 3.72
C LEU C 73 -18.08 -19.17 4.50
N SER C 74 -18.41 -19.26 5.78
CA SER C 74 -17.98 -20.33 6.61
C SER C 74 -19.29 -20.99 7.01
N LEU C 75 -19.49 -22.21 6.56
CA LEU C 75 -20.69 -22.96 6.89
C LEU C 75 -20.30 -24.34 7.40
N ASP C 76 -21.23 -25.00 8.09
CA ASP C 76 -21.00 -26.34 8.64
C ASP C 76 -20.50 -27.34 7.59
N GLU C 77 -19.75 -28.35 8.07
CA GLU C 77 -19.14 -29.39 7.21
C GLU C 77 -20.19 -30.21 6.46
N PHE C 78 -21.33 -30.41 7.10
CA PHE C 78 -22.36 -31.30 6.58
C PHE C 78 -23.47 -30.57 5.82
N ASN C 79 -23.30 -29.27 5.69
CA ASN C 79 -24.14 -28.46 4.80
C ASN C 79 -23.99 -28.91 3.32
N PRO C 80 -25.12 -29.17 2.64
CA PRO C 80 -25.14 -29.60 1.22
C PRO C 80 -24.47 -28.61 0.27
N VAL C 81 -24.44 -27.34 0.65
CA VAL C 81 -23.75 -26.29 -0.13
C VAL C 81 -22.27 -26.64 -0.36
N ALA C 82 -21.67 -27.34 0.61
CA ALA C 82 -20.31 -27.89 0.49
C ALA C 82 -20.06 -28.66 -0.82
N ARG C 83 -21.12 -29.21 -1.42
CA ARG C 83 -21.00 -29.91 -2.71
C ARG C 83 -20.79 -29.03 -3.97
N PHE C 84 -21.06 -27.73 -3.89
CA PHE C 84 -20.97 -26.89 -5.09
C PHE C 84 -19.52 -26.49 -5.44
N ALA C 85 -19.17 -26.59 -6.72
CA ALA C 85 -17.85 -26.19 -7.24
C ALA C 85 -17.44 -24.74 -6.94
N SER C 86 -18.39 -23.81 -7.02
CA SER C 86 -18.11 -22.40 -6.66
C SER C 86 -17.71 -22.34 -5.18
N TYR C 87 -18.39 -23.12 -4.35
CA TYR C 87 -18.02 -23.25 -2.94
C TYR C 87 -16.62 -23.86 -2.78
N TRP C 88 -16.34 -24.94 -3.52
CA TRP C 88 -15.03 -25.59 -3.43
C TRP C 88 -13.96 -24.56 -3.74
N THR C 89 -14.20 -23.72 -4.76
CA THR C 89 -13.21 -22.71 -5.14
C THR C 89 -12.86 -21.78 -3.96
N THR C 90 -13.87 -21.24 -3.28
N THR C 90 -13.87 -21.24 -3.29
CA THR C 90 -13.63 -20.32 -2.14
CA THR C 90 -13.65 -20.32 -2.16
C THR C 90 -12.84 -21.00 -1.04
C THR C 90 -12.87 -20.99 -1.03
N GLN C 92 -10.53 -23.21 -1.30
CA GLN C 92 -9.11 -23.42 -1.64
C GLN C 92 -8.25 -22.19 -1.32
N LEU C 93 -8.87 -21.03 -1.18
CA LEU C 93 -8.14 -19.77 -0.96
C LEU C 93 -7.90 -19.48 0.52
N GLN C 94 -6.66 -19.13 0.87
CA GLN C 94 -6.38 -18.76 2.25
C GLN C 94 -6.44 -17.24 2.37
N ALA C 95 -6.20 -16.75 3.58
CA ALA C 95 -6.26 -15.33 3.85
C ALA C 95 -5.47 -14.47 2.87
N GLU C 96 -4.23 -14.84 2.58
N GLU C 96 -4.23 -14.84 2.58
CA GLU C 96 -3.40 -14.08 1.64
CA GLU C 96 -3.38 -14.09 1.64
C GLU C 96 -4.05 -13.94 0.25
C GLU C 96 -4.00 -13.95 0.23
N HIS C 97 -4.64 -15.01 -0.25
CA HIS C 97 -5.28 -14.96 -1.57
C HIS C 97 -6.53 -14.10 -1.59
N LEU C 98 -7.36 -14.23 -0.55
CA LEU C 98 -8.54 -13.38 -0.38
C LEU C 98 -8.19 -11.90 -0.26
N GLN C 99 -7.16 -11.56 0.52
CA GLN C 99 -6.72 -10.15 0.61
C GLN C 99 -6.31 -9.62 -0.74
N TYR C 100 -5.58 -10.42 -1.51
CA TYR C 100 -5.20 -9.99 -2.85
C TYR C 100 -6.40 -9.69 -3.73
N LEU C 101 -7.32 -10.67 -3.87
CA LEU C 101 -8.50 -10.48 -4.71
C LEU C 101 -9.36 -9.26 -4.25
N GLU C 102 -9.52 -9.11 -2.93
CA GLU C 102 -10.24 -7.98 -2.31
C GLU C 102 -9.60 -6.64 -2.69
N SER C 103 -8.29 -6.67 -2.94
CA SER C 103 -7.57 -5.43 -3.18
C SER C 103 -7.75 -4.91 -4.61
N LEU C 104 -8.15 -5.78 -5.54
CA LEU C 104 -8.15 -5.43 -6.94
C LEU C 104 -9.17 -4.39 -7.30
N PRO C 105 -8.77 -3.48 -8.19
CA PRO C 105 -9.68 -2.50 -8.78
C PRO C 105 -10.58 -3.17 -9.84
N ASN C 106 -11.73 -2.59 -10.15
CA ASN C 106 -12.50 -3.14 -11.30
C ASN C 106 -12.14 -2.52 -12.66
N ARG C 107 -11.29 -1.49 -12.64
CA ARG C 107 -10.90 -0.81 -13.89
C ARG C 107 -9.52 -0.18 -13.76
N ILE C 109 -6.91 2.60 -15.86
CA ILE C 109 -6.71 3.54 -16.94
C ILE C 109 -5.24 4.02 -16.92
N ASP C 110 -4.54 3.84 -18.04
CA ASP C 110 -3.08 4.07 -18.12
C ASP C 110 -2.78 4.51 -19.57
N GLY C 111 -2.13 5.65 -19.74
CA GLY C 111 -1.75 6.14 -21.09
C GLY C 111 -2.93 6.07 -22.05
N ASP C 112 -2.82 5.23 -23.08
CA ASP C 112 -3.86 5.16 -24.11
C ASP C 112 -4.84 4.00 -23.98
N TRP C 113 -4.96 3.42 -22.78
CA TRP C 113 -5.79 2.23 -22.65
C TRP C 113 -6.63 2.23 -21.39
N THR C 114 -7.81 1.65 -21.50
CA THR C 114 -8.68 1.37 -20.36
C THR C 114 -8.74 -0.16 -20.30
N VAL C 115 -8.77 -0.73 -19.10
CA VAL C 115 -8.82 -2.18 -18.96
C VAL C 115 -9.85 -2.57 -17.92
N VAL C 116 -10.76 -3.48 -18.30
CA VAL C 116 -11.81 -3.99 -17.43
C VAL C 116 -12.05 -5.46 -17.74
N HIS C 117 -12.70 -6.16 -16.83
CA HIS C 117 -13.08 -7.53 -17.09
C HIS C 117 -14.19 -7.64 -18.13
N GLY C 118 -15.28 -6.91 -17.93
CA GLY C 118 -16.49 -7.09 -18.73
C GLY C 118 -16.66 -6.01 -19.77
N SER C 119 -17.14 -4.84 -19.32
CA SER C 119 -17.32 -3.67 -20.19
C SER C 119 -17.05 -2.36 -19.43
N PRO C 120 -16.68 -1.27 -20.15
CA PRO C 120 -16.47 -0.03 -19.41
C PRO C 120 -17.75 0.56 -18.82
N ARG C 121 -18.92 0.15 -19.35
CA ARG C 121 -20.19 0.45 -18.67
C ARG C 121 -20.39 -0.31 -17.36
N HIS C 122 -20.08 -1.61 -17.39
CA HIS C 122 -20.30 -2.50 -16.26
C HIS C 122 -19.07 -3.39 -16.16
N PRO C 123 -18.01 -2.88 -15.47
CA PRO C 123 -16.71 -3.51 -15.51
C PRO C 123 -16.69 -4.99 -15.13
N ILE C 124 -17.48 -5.40 -14.14
CA ILE C 124 -17.42 -6.78 -13.66
C ILE C 124 -18.30 -7.74 -14.51
N TRP C 125 -19.41 -7.23 -15.03
CA TRP C 125 -20.52 -8.07 -15.42
C TRP C 125 -20.91 -8.11 -16.91
N GLU C 126 -20.76 -6.98 -17.63
CA GLU C 126 -21.32 -6.92 -18.99
C GLU C 126 -20.45 -7.62 -20.03
N TYR C 127 -21.03 -8.55 -20.80
CA TYR C 127 -20.34 -9.18 -21.95
C TYR C 127 -20.42 -8.29 -23.17
N ILE C 128 -19.29 -8.13 -23.87
CA ILE C 128 -19.33 -7.50 -25.21
C ILE C 128 -19.03 -8.53 -26.32
N TYR C 129 -20.07 -8.90 -27.05
N TYR C 129 -20.07 -9.01 -27.02
CA TYR C 129 -20.00 -9.95 -28.05
CA TYR C 129 -19.83 -9.91 -28.18
C TYR C 129 -20.41 -9.45 -29.44
C TYR C 129 -20.67 -9.57 -29.40
N ASN C 130 -21.11 -8.31 -29.48
CA ASN C 130 -21.65 -7.78 -30.72
C ASN C 130 -21.52 -6.27 -30.90
N ALA C 131 -21.88 -5.81 -32.10
CA ALA C 131 -21.76 -4.41 -32.47
C ALA C 131 -22.63 -3.51 -31.59
N ARG C 132 -23.85 -3.96 -31.29
CA ARG C 132 -24.80 -3.16 -30.51
C ARG C 132 -24.23 -2.81 -29.12
N ILE C 133 -23.72 -3.82 -28.43
CA ILE C 133 -23.18 -3.58 -27.09
C ILE C 133 -21.83 -2.86 -27.17
N ALA C 134 -21.02 -3.16 -28.18
CA ALA C 134 -19.77 -2.42 -28.41
C ALA C 134 -20.08 -0.93 -28.57
N ALA C 135 -21.11 -0.60 -29.37
CA ALA C 135 -21.52 0.78 -29.62
C ALA C 135 -21.90 1.53 -28.35
N LEU C 136 -22.57 0.85 -27.43
CA LEU C 136 -22.95 1.48 -26.18
C LEU C 136 -21.73 1.67 -25.29
N ASN C 137 -20.64 0.98 -25.60
CA ASN C 137 -19.46 1.04 -24.75
C ASN C 137 -18.38 2.04 -25.12
N PHE C 138 -18.35 2.43 -26.39
CA PHE C 138 -17.40 3.45 -26.86
C PHE C 138 -17.51 4.81 -26.13
N PRO C 139 -18.74 5.29 -25.78
CA PRO C 139 -18.83 6.52 -24.96
C PRO C 139 -18.44 6.34 -23.48
N ALA C 140 -18.33 5.09 -23.02
CA ALA C 140 -18.03 4.82 -21.60
C ALA C 140 -16.53 4.67 -21.28
N PHE C 141 -15.67 4.84 -22.30
CA PHE C 141 -14.24 5.05 -22.06
C PHE C 141 -13.76 6.18 -22.95
N ASP C 142 -12.71 6.87 -22.52
CA ASP C 142 -12.24 8.04 -23.26
C ASP C 142 -10.76 7.95 -23.66
N THR C 143 -10.20 6.74 -23.60
CA THR C 143 -8.89 6.45 -24.15
C THR C 143 -9.09 5.88 -25.55
N PRO C 144 -8.01 5.82 -26.37
CA PRO C 144 -8.16 5.18 -27.70
C PRO C 144 -8.51 3.69 -27.61
N LEU C 145 -8.03 3.00 -26.57
CA LEU C 145 -8.21 1.56 -26.48
C LEU C 145 -8.90 1.14 -25.21
N CYS C 146 -9.76 0.13 -25.31
CA CYS C 146 -10.27 -0.57 -24.13
C CYS C 146 -10.07 -2.07 -24.28
N PHE C 147 -9.40 -2.68 -23.32
CA PHE C 147 -9.27 -4.13 -23.34
C PHE C 147 -10.30 -4.73 -22.37
N VAL C 148 -10.98 -5.78 -22.83
CA VAL C 148 -12.02 -6.46 -22.05
C VAL C 148 -11.81 -7.99 -22.13
N GLY C 149 -12.42 -8.73 -21.22
CA GLY C 149 -12.42 -10.21 -21.27
C GLY C 149 -13.83 -10.77 -21.16
N HIS C 150 -14.01 -11.74 -20.26
CA HIS C 150 -15.33 -12.18 -19.79
C HIS C 150 -16.05 -13.08 -20.80
N THR C 151 -16.02 -12.75 -22.11
CA THR C 151 -16.63 -13.65 -23.09
C THR C 151 -15.91 -14.98 -23.32
N HIS C 152 -14.61 -14.99 -23.04
CA HIS C 152 -13.69 -16.13 -23.32
C HIS C 152 -13.46 -16.36 -24.82
N VAL C 153 -13.66 -15.33 -25.62
CA VAL C 153 -13.53 -15.41 -27.06
C VAL C 153 -12.75 -14.18 -27.51
N PRO C 154 -11.64 -14.38 -28.26
CA PRO C 154 -10.90 -13.19 -28.69
C PRO C 154 -11.69 -12.32 -29.68
N LEU C 155 -11.38 -11.03 -29.72
CA LEU C 155 -12.26 -10.10 -30.42
C LEU C 155 -11.59 -8.76 -30.63
N TYR C 156 -11.85 -8.13 -31.78
CA TYR C 156 -11.61 -6.70 -31.90
C TYR C 156 -12.69 -6.01 -32.71
N ILE C 157 -12.91 -4.74 -32.41
CA ILE C 157 -13.84 -3.91 -33.18
C ILE C 157 -13.48 -2.41 -33.09
N ARG C 158 -13.63 -1.70 -34.22
CA ARG C 158 -13.39 -0.26 -34.29
C ARG C 158 -14.65 0.54 -33.97
N GLU C 159 -14.45 1.75 -33.45
CA GLU C 159 -15.56 2.64 -33.13
C GLU C 159 -16.56 2.78 -34.29
N ASP C 160 -16.05 3.09 -35.48
CA ASP C 160 -16.91 3.29 -36.65
C ASP C 160 -17.68 2.03 -37.04
N GLU C 161 -17.05 0.87 -36.90
CA GLU C 161 -17.73 -0.42 -37.16
C GLU C 161 -18.91 -0.66 -36.21
N ALA C 162 -18.65 -0.52 -34.91
CA ALA C 162 -19.70 -0.76 -33.91
C ALA C 162 -20.90 0.17 -34.11
N LEU C 163 -20.60 1.45 -34.34
CA LEU C 163 -21.64 2.46 -34.59
C LEU C 163 -22.37 2.26 -35.93
N SER C 164 -21.78 1.49 -36.84
CA SER C 164 -22.41 1.14 -38.12
C SER C 164 -22.99 -0.27 -38.12
N ASN C 165 -23.06 -0.89 -36.94
CA ASN C 165 -23.54 -2.27 -36.79
C ASN C 165 -22.80 -3.33 -37.62
N VAL C 166 -21.51 -3.09 -37.84
CA VAL C 166 -20.65 -4.08 -38.47
C VAL C 166 -20.16 -5.04 -37.38
N ALA C 167 -20.33 -6.34 -37.65
CA ALA C 167 -20.00 -7.39 -36.70
C ALA C 167 -18.56 -7.30 -36.19
N PRO C 168 -18.35 -7.62 -34.90
CA PRO C 168 -16.95 -7.63 -34.47
C PRO C 168 -16.13 -8.73 -35.15
N HIS C 169 -14.81 -8.53 -35.13
CA HIS C 169 -13.90 -9.47 -35.77
C HIS C 169 -13.44 -10.53 -34.79
N HIS C 170 -13.42 -11.78 -35.22
CA HIS C 170 -12.82 -12.85 -34.42
C HIS C 170 -11.43 -13.14 -34.99
N PRO C 171 -10.37 -12.76 -34.27
CA PRO C 171 -9.02 -12.92 -34.82
C PRO C 171 -8.60 -14.38 -34.86
N ASN C 172 -7.79 -14.69 -35.87
CA ASN C 172 -7.16 -15.99 -35.98
C ASN C 172 -5.87 -16.01 -35.18
N ASP C 173 -5.33 -17.21 -35.02
CA ASP C 173 -4.05 -17.37 -34.33
C ASP C 173 -2.95 -16.72 -35.16
N GLY C 174 -2.19 -15.83 -34.53
CA GLY C 174 -1.12 -15.12 -35.20
C GLY C 174 -1.57 -13.82 -35.83
N GLU C 175 -2.86 -13.52 -35.78
CA GLU C 175 -3.38 -12.31 -36.44
C GLU C 175 -2.87 -11.03 -35.79
N VAL C 176 -2.38 -10.12 -36.63
CA VAL C 176 -1.79 -8.87 -36.17
C VAL C 176 -2.73 -7.72 -36.45
N LEU C 177 -2.99 -6.89 -35.46
CA LEU C 177 -3.92 -5.78 -35.64
C LEU C 177 -3.20 -4.46 -35.44
N ASP C 178 -3.31 -3.61 -36.45
CA ASP C 178 -2.75 -2.25 -36.44
C ASP C 178 -3.73 -1.31 -35.70
N VAL C 179 -3.33 -0.76 -34.56
CA VAL C 179 -4.21 0.11 -33.77
C VAL C 179 -3.79 1.60 -33.79
N SER C 180 -3.16 2.03 -34.89
CA SER C 180 -2.62 3.37 -34.98
C SER C 180 -3.68 4.47 -35.24
N SER C 181 -4.87 4.08 -35.69
CA SER C 181 -5.90 5.04 -36.09
C SER C 181 -7.29 4.62 -35.58
N GLY C 182 -7.96 5.53 -34.87
CA GLY C 182 -9.32 5.26 -34.39
C GLY C 182 -9.29 4.51 -33.08
N ARG C 183 -10.48 4.21 -32.56
CA ARG C 183 -10.65 3.64 -31.25
C ARG C 183 -11.12 2.20 -31.36
N TYR C 184 -10.65 1.35 -30.45
CA TYR C 184 -10.91 -0.10 -30.48
C TYR C 184 -11.31 -0.65 -29.12
N ILE C 185 -12.17 -1.66 -29.15
CA ILE C 185 -12.35 -2.58 -28.04
C ILE C 185 -11.70 -3.90 -28.47
N ILE C 186 -10.86 -4.46 -27.60
CA ILE C 186 -10.08 -5.65 -27.89
C ILE C 186 -10.22 -6.65 -26.72
N ASN C 187 -10.42 -7.93 -27.06
CA ASN C 187 -10.51 -9.01 -26.10
C ASN C 187 -9.39 -10.04 -26.44
N PRO C 188 -8.55 -10.44 -25.45
CA PRO C 188 -7.51 -11.45 -25.75
C PRO C 188 -8.02 -12.89 -25.71
N GLY C 189 -9.32 -13.07 -25.43
CA GLY C 189 -9.87 -14.42 -25.24
C GLY C 189 -9.55 -14.93 -23.86
N ALA C 190 -9.79 -16.22 -23.61
CA ALA C 190 -9.51 -16.85 -22.32
C ALA C 190 -8.29 -17.77 -22.35
N VAL C 191 -7.47 -17.62 -21.32
CA VAL C 191 -6.37 -18.53 -21.11
C VAL C 191 -6.90 -19.92 -20.75
N GLY C 192 -7.81 -20.01 -19.78
CA GLY C 192 -8.11 -21.30 -19.21
C GLY C 192 -9.49 -21.90 -19.43
N GLN C 193 -10.35 -21.21 -20.19
CA GLN C 193 -11.63 -21.78 -20.56
C GLN C 193 -12.20 -21.20 -21.85
N PRO C 194 -11.58 -21.50 -23.01
CA PRO C 194 -12.04 -20.80 -24.22
C PRO C 194 -13.46 -21.24 -24.61
N ARG C 195 -14.23 -20.32 -25.20
CA ARG C 195 -15.63 -20.62 -25.56
C ARG C 195 -15.96 -20.50 -27.06
N ASP C 196 -14.91 -20.39 -27.90
CA ASP C 196 -15.10 -20.19 -29.34
C ASP C 196 -15.01 -21.48 -30.18
N GLY C 197 -14.95 -22.64 -29.52
CA GLY C 197 -14.87 -23.90 -30.23
C GLY C 197 -13.45 -24.37 -30.48
N ASP C 198 -12.49 -23.55 -30.04
CA ASP C 198 -11.06 -23.82 -30.23
C ASP C 198 -10.50 -24.03 -28.85
N PRO C 199 -10.10 -25.28 -28.52
CA PRO C 199 -9.71 -25.59 -27.14
C PRO C 199 -8.35 -25.04 -26.71
N ARG C 200 -7.62 -24.41 -27.63
CA ARG C 200 -6.31 -23.81 -27.31
C ARG C 200 -6.49 -22.58 -26.41
N ALA C 201 -5.59 -22.43 -25.44
CA ALA C 201 -5.48 -21.18 -24.65
C ALA C 201 -5.33 -19.98 -25.58
N SER C 202 -5.95 -18.86 -25.20
CA SER C 202 -5.88 -17.64 -25.99
C SER C 202 -5.23 -16.50 -25.18
N TYR C 203 -4.40 -15.69 -25.85
CA TYR C 203 -3.87 -14.46 -25.24
C TYR C 203 -3.52 -13.44 -26.31
N ALA C 204 -3.11 -12.24 -25.91
CA ALA C 204 -2.69 -11.22 -26.85
C ALA C 204 -1.34 -10.62 -26.44
N ILE C 205 -0.59 -10.13 -27.42
CA ILE C 205 0.62 -9.37 -27.17
C ILE C 205 0.46 -7.96 -27.70
N PHE C 206 0.69 -6.97 -26.82
CA PHE C 206 0.46 -5.58 -27.11
C PHE C 206 1.81 -4.86 -27.16
N GLU C 207 2.04 -4.19 -28.27
CA GLU C 207 3.25 -3.38 -28.45
C GLU C 207 2.83 -1.95 -28.73
N PRO C 208 2.61 -1.15 -27.66
CA PRO C 208 2.06 0.21 -27.77
C PRO C 208 2.91 1.20 -28.57
N ASP C 209 4.24 1.05 -28.55
CA ASP C 209 5.10 1.93 -29.32
C ASP C 209 4.95 1.60 -30.82
N ALA C 210 4.72 0.34 -31.13
CA ALA C 210 4.49 -0.08 -32.51
C ALA C 210 3.00 -0.02 -32.91
N GLN C 211 2.15 0.32 -31.95
CA GLN C 211 0.70 0.42 -32.14
C GLN C 211 0.17 -0.85 -32.80
N ARG C 212 0.48 -1.98 -32.17
CA ARG C 212 0.25 -3.31 -32.71
C ARG C 212 -0.24 -4.21 -31.57
N VAL C 213 -1.31 -4.96 -31.85
CA VAL C 213 -1.81 -6.06 -30.99
C VAL C 213 -1.73 -7.35 -31.81
N THR C 214 -1.10 -8.39 -31.27
CA THR C 214 -1.04 -9.69 -31.95
C THR C 214 -1.78 -10.74 -31.11
N PHE C 215 -2.61 -11.54 -31.76
CA PHE C 215 -3.46 -12.51 -31.06
C PHE C 215 -2.85 -13.89 -31.25
N HIS C 216 -2.78 -14.64 -30.14
CA HIS C 216 -2.13 -15.94 -30.13
C HIS C 216 -2.96 -17.04 -29.50
N ARG C 217 -2.83 -18.25 -30.05
CA ARG C 217 -3.41 -19.45 -29.44
C ARG C 217 -2.26 -20.40 -29.20
N VAL C 218 -2.25 -21.06 -28.04
CA VAL C 218 -1.29 -22.12 -27.78
C VAL C 218 -1.96 -23.36 -27.19
N GLU C 219 -1.64 -24.53 -27.74
CA GLU C 219 -2.06 -25.80 -27.20
C GLU C 219 -1.58 -25.97 -25.77
N TYR C 220 -2.39 -26.62 -24.93
CA TYR C 220 -1.93 -27.02 -23.60
C TYR C 220 -2.42 -28.44 -23.27
N ARG C 221 -1.85 -29.04 -22.23
CA ARG C 221 -2.25 -30.40 -21.91
C ARG C 221 -3.63 -30.44 -21.22
N ILE C 222 -4.69 -30.37 -22.03
CA ILE C 222 -6.06 -30.35 -21.54
C ILE C 222 -6.36 -31.53 -20.60
N ALA C 223 -5.88 -32.71 -20.98
CA ALA C 223 -6.01 -33.94 -20.21
C ALA C 223 -5.44 -33.85 -18.77
N ASP C 224 -4.34 -33.11 -18.59
CA ASP C 224 -3.77 -32.86 -17.25
C ASP C 224 -4.71 -32.00 -16.35
N THR C 225 -5.19 -30.90 -16.88
CA THR C 225 -6.16 -30.09 -16.14
C THR C 225 -7.39 -30.94 -15.81
N GLN C 226 -7.89 -31.67 -16.81
CA GLN C 226 -9.05 -32.55 -16.63
C GLN C 226 -8.84 -33.57 -15.50
N ALA C 227 -7.65 -34.17 -15.44
CA ALA C 227 -7.32 -35.13 -14.37
C ALA C 227 -7.34 -34.45 -13.02
N GLN C 228 -6.81 -33.23 -12.98
CA GLN C 228 -6.79 -32.47 -11.75
C GLN C 228 -8.21 -32.10 -11.32
N ARG C 230 -10.99 -33.91 -12.06
CA ARG C 230 -11.59 -35.16 -11.60
C ARG C 230 -11.04 -35.61 -10.25
N GLU C 231 -9.78 -35.30 -9.98
CA GLU C 231 -9.20 -35.60 -8.66
C GLU C 231 -9.85 -34.77 -7.52
N ALA C 232 -10.27 -33.54 -7.85
CA ALA C 232 -10.98 -32.67 -6.90
C ALA C 232 -12.51 -32.89 -6.81
N GLY C 233 -13.04 -33.80 -7.64
CA GLY C 233 -14.48 -34.10 -7.67
C GLY C 233 -15.33 -33.05 -8.36
N LEU C 234 -14.72 -32.26 -9.25
CA LEU C 234 -15.44 -31.19 -9.97
C LEU C 234 -16.44 -31.74 -11.01
N PRO C 235 -17.49 -30.95 -11.34
CA PRO C 235 -18.55 -31.46 -12.20
C PRO C 235 -18.03 -31.94 -13.56
N GLU C 236 -18.50 -33.12 -13.96
CA GLU C 236 -18.06 -33.73 -15.19
C GLU C 236 -18.36 -32.85 -16.41
N SER C 237 -19.53 -32.20 -16.44
CA SER C 237 -19.85 -31.26 -17.54
C SER C 237 -18.80 -30.18 -17.77
N LEU C 238 -18.20 -29.67 -16.68
CA LEU C 238 -17.14 -28.67 -16.74
C LEU C 238 -15.81 -29.25 -17.20
N VAL C 239 -15.56 -30.51 -16.85
CA VAL C 239 -14.31 -31.19 -17.21
C VAL C 239 -14.26 -31.40 -18.74
N THR C 240 -15.39 -31.88 -19.25
CA THR C 240 -15.67 -32.18 -20.65
C THR C 240 -15.63 -30.95 -21.57
N ARG C 241 -16.10 -29.83 -21.03
N ARG C 241 -16.14 -29.82 -21.06
CA ARG C 241 -16.19 -28.53 -21.70
CA ARG C 241 -16.16 -28.54 -21.79
C ARG C 241 -14.86 -27.99 -22.24
C ARG C 241 -14.81 -28.21 -22.39
N LEU C 242 -13.75 -28.35 -21.58
CA LEU C 242 -12.39 -27.88 -21.93
C LEU C 242 -11.86 -28.50 -23.20
N ALA C 243 -12.16 -29.77 -23.40
CA ALA C 243 -11.77 -30.51 -24.59
C ALA C 243 -12.48 -29.98 -25.83
N ALA C 244 -13.67 -29.41 -25.66
CA ALA C 244 -14.45 -28.91 -26.82
C ALA C 244 -14.20 -27.42 -27.08
N GLY C 245 -13.59 -26.73 -26.11
CA GLY C 245 -13.50 -25.28 -26.17
C GLY C 245 -14.85 -24.59 -26.17
N VAL C 246 -15.78 -25.11 -25.36
CA VAL C 246 -17.07 -24.46 -25.15
C VAL C 246 -17.30 -24.16 -23.67
#